data_7ZDA
#
_entry.id   7ZDA
#
loop_
_entity.id
_entity.type
_entity.pdbx_description
1 polymer 'ATP-binding/permease protein CydC'
2 polymer 'ATP-binding/permease protein CydD'
3 non-polymer 'MAGNESIUM ION'
4 non-polymer "ADENOSINE-5'-DIPHOSPHATE"
5 non-polymer 'PHOSPHITE ION'
6 non-polymer "ADENOSINE-5'-TRIPHOSPHATE"
#
loop_
_entity_poly.entity_id
_entity_poly.type
_entity_poly.pdbx_seq_one_letter_code
_entity_poly.pdbx_strand_id
1 'polypeptide(L)'
;MRALLPYLALYKRHKWMLSLGIVLAIVTLLASIGLLTLSGWFLSASAVAGVAGLYSFNYMLPAAGVRGAAITRTAGRYFE
RLVSHDATFRVLQHLRIYTFSKLLPLSPAGLARYRQGELLNRVVADVDTLDHLYLRVISPLVGAFVVIMVVTIGLSFLDF
TLAFTLGGIMLLTLFLMPPLFYRAGKSTGQNLTHLRGQYRQQLTAWLQGQAELTIFGASDRYRTQLENTEIQWLEAQRRQ
SELTALSQAIMLLIGALAVILMLWMASGGVGGNAQPGALIALFVFCALAAFEALAPVTGAFQHLGQVIASAVRISDLTDQ
KPEVTFPDTQTRVADRVSLTLRDVQFTYPEQSQQALKGISLQVNAGEHIAILGRTGCGKSTLLQQLTRAWDPQQGEILLN
DSPIASLNEAALRQTISVVPQRVHLFSATLRDNLLLASPGSSDEALSEILRRVGLEKLLEDAGLNSWLGEGGRQLSGGEL
RRLAIARALLHDAPLVLLDEPTEGLDATTESQILELLAEMMREKTVLMVTHRLRGLSRFQQIIVMDNGQIIEQGTHAELL
ARQGRYYQFKQGL
;
C
2 'polypeptide(L)'
;MNKSRQKELTRWLKQQSVISQRWLNISRLLGFVSGILIIAQAWFMARILQHMIMENIPREALLLPFTLLVLTFVLRAWVV
WLRERVGYHAGQHIRFAIRRQVLDRLQQAGPAWIQGKPAGSWATLVLEQIDDMHDYYARYLPQMALAVSVPLLIVVAIFP
SNWAAALILLGTAPLIPLFMALVGMGAADANRRNFLALARLSGHFLDRLRGMETLRIFGRGEAEIESIRSASEDFRQRTM
EVLRLAFLSSGILEFFTSLSIALVAVYFGFSYLGELDFGHYDTGVTLAAGFLALILAPEFFQPLRDLGTFYHAKAQAVGA
ADSLKTFMETPLAHPQRGEAELASTDPVTIEAEELFITSPEGKTLAGPLNFTLPAGQRAVLVGRSGSGKSSLLNALSGFL
SYQGSLRINGIELRDLSPESWRKHLSWVGQNPQLPAATLRDNVLLARPDASEQELQAALDNAWVSEFLPLLPQGVDTPVG
DQAARLSVGQAQRVAVARALLNPCSLLLLDEPAASLDAHSEQRVMEALNAASLRQTTLMVTHQLEDLADWDVIWVMQDGR
IIEQGRYAELSVAGGPFATLLAHRQEEI
;
D
#
loop_
_chem_comp.id
_chem_comp.type
_chem_comp.name
_chem_comp.formula
ADP non-polymer ADENOSINE-5'-DIPHOSPHATE 'C10 H15 N5 O10 P2'
ATP non-polymer ADENOSINE-5'-TRIPHOSPHATE 'C10 H16 N5 O13 P3'
MG non-polymer 'MAGNESIUM ION' 'Mg 2'
PO3 non-polymer 'PHOSPHITE ION' 'O3 P -3'
#
# COMPACT_ATOMS: atom_id res chain seq x y z
N MET A 1 9.37 22.00 -7.64
CA MET A 1 8.82 22.87 -6.62
C MET A 1 7.67 23.69 -7.17
N ARG A 2 7.57 23.76 -8.49
CA ARG A 2 6.43 24.43 -9.12
C ARG A 2 5.17 23.59 -9.07
N ALA A 3 5.32 22.26 -9.01
CA ALA A 3 4.17 21.39 -8.84
C ALA A 3 3.67 21.36 -7.41
N LEU A 4 4.41 21.97 -6.48
CA LEU A 4 4.00 22.07 -5.09
C LEU A 4 3.13 23.28 -4.82
N LEU A 5 2.86 24.09 -5.84
CA LEU A 5 2.10 25.33 -5.75
C LEU A 5 0.59 25.12 -5.68
N PRO A 6 -0.01 24.23 -6.47
CA PRO A 6 -1.47 24.06 -6.38
C PRO A 6 -1.96 23.70 -4.99
N TYR A 7 -1.18 22.96 -4.22
CA TYR A 7 -1.55 22.58 -2.87
C TYR A 7 -1.10 23.58 -1.83
N LEU A 8 -0.28 24.54 -2.22
CA LEU A 8 0.09 25.62 -1.24
C LEU A 8 -1.09 26.59 -1.17
N ALA A 9 -1.94 26.59 -2.20
CA ALA A 9 -3.17 27.41 -2.26
C ALA A 9 -4.13 26.91 -1.17
N LEU A 10 -4.19 25.58 -0.99
CA LEU A 10 -5.03 24.92 0.04
C LEU A 10 -4.55 25.35 1.42
N TYR A 11 -3.23 25.46 1.58
CA TYR A 11 -2.55 25.90 2.84
C TYR A 11 -2.85 27.38 3.14
N LYS A 12 -3.17 28.19 2.13
CA LYS A 12 -3.52 29.63 2.35
C LYS A 12 -4.78 29.66 3.24
N ARG A 13 -5.76 28.78 2.97
CA ARG A 13 -6.91 28.66 3.89
C ARG A 13 -6.33 28.04 5.17
N HIS A 14 -6.80 28.47 6.34
CA HIS A 14 -6.27 28.06 7.68
C HIS A 14 -4.81 28.49 7.84
N LYS A 15 -4.42 29.63 7.24
CA LYS A 15 -3.04 30.16 7.41
C LYS A 15 -2.83 30.56 8.86
N TRP A 16 -3.86 31.10 9.51
CA TRP A 16 -3.74 31.51 10.93
C TRP A 16 -3.27 30.30 11.77
N MET A 17 -4.04 29.21 11.76
CA MET A 17 -3.67 28.04 12.55
C MET A 17 -2.26 27.57 12.22
N LEU A 18 -1.92 27.52 10.94
CA LEU A 18 -0.58 27.10 10.55
C LEU A 18 0.48 28.07 11.04
N SER A 19 0.18 29.37 11.01
CA SER A 19 1.13 30.36 11.52
C SER A 19 1.28 30.26 13.04
N LEU A 20 0.18 30.02 13.75
CA LEU A 20 0.26 29.87 15.20
C LEU A 20 1.02 28.62 15.59
N GLY A 21 0.83 27.53 14.85
CA GLY A 21 1.60 26.32 15.13
C GLY A 21 3.08 26.51 14.89
N ILE A 22 3.45 27.33 13.90
CA ILE A 22 4.85 27.65 13.69
C ILE A 22 5.37 28.57 14.78
N VAL A 23 4.55 29.52 15.22
CA VAL A 23 4.96 30.45 16.26
C VAL A 23 5.25 29.71 17.57
N LEU A 24 4.39 28.76 17.94
CA LEU A 24 4.64 27.97 19.13
C LEU A 24 5.85 27.06 18.98
N ALA A 25 6.22 26.70 17.75
CA ALA A 25 7.43 25.95 17.51
C ALA A 25 8.68 26.80 17.61
N ILE A 26 8.53 28.12 17.65
CA ILE A 26 9.64 29.05 17.86
C ILE A 26 9.77 29.41 19.33
N VAL A 27 8.66 29.66 20.02
CA VAL A 27 8.71 29.94 21.44
C VAL A 27 9.24 28.74 22.21
N THR A 28 8.77 27.55 21.86
CA THR A 28 9.30 26.34 22.49
C THR A 28 10.78 26.20 22.21
N LEU A 29 11.18 26.42 20.97
CA LEU A 29 12.54 26.16 20.55
C LEU A 29 13.49 27.26 21.03
N LEU A 30 12.98 28.48 21.26
CA LEU A 30 13.79 29.51 21.89
C LEU A 30 13.92 29.30 23.39
N ALA A 31 12.88 28.77 24.04
CA ALA A 31 12.98 28.44 25.45
C ALA A 31 13.99 27.32 25.68
N SER A 32 14.03 26.34 24.77
CA SER A 32 15.02 25.28 24.87
C SER A 32 16.43 25.84 24.74
N ILE A 33 16.65 26.70 23.75
CA ILE A 33 17.96 27.31 23.57
C ILE A 33 18.26 28.29 24.69
N GLY A 34 17.24 29.00 25.17
CA GLY A 34 17.43 29.94 26.25
C GLY A 34 17.63 29.30 27.61
N LEU A 35 17.08 28.12 27.83
CA LEU A 35 17.28 27.43 29.10
C LEU A 35 18.74 27.03 29.28
N LEU A 36 19.35 26.47 28.23
CA LEU A 36 20.75 26.06 28.32
C LEU A 36 21.69 27.26 28.24
N THR A 37 21.36 28.26 27.44
CA THR A 37 22.20 29.45 27.36
C THR A 37 22.21 30.22 28.66
N LEU A 38 21.05 30.34 29.32
CA LEU A 38 21.01 31.04 30.60
C LEU A 38 21.60 30.19 31.72
N SER A 39 21.36 28.88 31.71
CA SER A 39 21.96 28.01 32.70
C SER A 39 23.48 28.04 32.61
N GLY A 40 24.01 27.99 31.39
CA GLY A 40 25.46 28.04 31.23
C GLY A 40 26.06 29.34 31.71
N TRP A 41 25.34 30.45 31.55
CA TRP A 41 25.81 31.72 32.08
C TRP A 41 25.60 31.81 33.59
N PHE A 42 24.49 31.29 34.10
CA PHE A 42 24.23 31.33 35.53
C PHE A 42 25.26 30.50 36.30
N LEU A 43 25.64 29.35 35.75
CA LEU A 43 26.70 28.57 36.37
C LEU A 43 28.04 29.29 36.32
N SER A 44 28.31 29.98 35.20
CA SER A 44 29.58 30.67 35.06
C SER A 44 29.61 31.94 35.91
N ALA A 45 28.49 32.63 36.02
CA ALA A 45 28.45 33.85 36.82
C ALA A 45 28.50 33.54 38.31
N SER A 46 27.80 32.48 38.74
CA SER A 46 27.86 32.07 40.14
C SER A 46 29.26 31.63 40.53
N ALA A 47 29.93 30.89 39.64
CA ALA A 47 31.26 30.39 39.96
C ALA A 47 32.28 31.52 39.99
N VAL A 48 32.14 32.51 39.12
CA VAL A 48 33.05 33.65 39.13
C VAL A 48 32.83 34.51 40.38
N ALA A 49 31.56 34.75 40.72
CA ALA A 49 31.28 35.49 41.95
C ALA A 49 31.74 34.73 43.18
N GLY A 50 31.54 33.42 43.20
CA GLY A 50 31.99 32.62 44.32
C GLY A 50 31.08 32.78 45.53
N VAL A 51 31.53 32.21 46.64
CA VAL A 51 30.79 32.32 47.89
C VAL A 51 30.72 33.78 48.32
N ALA A 52 31.78 34.54 48.11
CA ALA A 52 31.76 35.98 48.34
C ALA A 52 30.71 36.63 47.45
N GLY A 53 30.06 37.66 47.98
CA GLY A 53 28.99 38.31 47.25
C GLY A 53 27.76 37.46 47.04
N LEU A 54 27.37 36.69 48.07
CA LEU A 54 26.10 35.97 47.99
C LEU A 54 24.95 36.94 47.80
N TYR A 55 24.88 37.97 48.64
CA TYR A 55 23.84 38.98 48.51
C TYR A 55 24.14 39.95 47.38
N SER A 56 25.41 40.15 47.04
CA SER A 56 25.77 41.01 45.93
C SER A 56 25.24 40.46 44.61
N PHE A 57 25.37 39.15 44.41
CA PHE A 57 24.90 38.53 43.18
C PHE A 57 23.39 38.49 43.14
N ASN A 58 22.81 38.91 42.02
CA ASN A 58 21.35 38.92 41.83
C ASN A 58 20.91 37.58 41.25
N TYR A 59 20.95 36.56 42.10
CA TYR A 59 20.63 35.21 41.67
C TYR A 59 19.14 34.97 41.49
N MET A 60 18.28 35.81 42.08
CA MET A 60 16.84 35.61 41.96
C MET A 60 16.36 35.81 40.54
N LEU A 61 16.92 36.79 39.82
CA LEU A 61 16.47 37.05 38.46
C LEU A 61 16.72 35.88 37.52
N PRO A 62 17.93 35.31 37.41
CA PRO A 62 18.08 34.10 36.60
C PRO A 62 17.28 32.92 37.11
N ALA A 63 17.11 32.80 38.43
CA ALA A 63 16.38 31.66 38.98
C ALA A 63 14.93 31.66 38.52
N ALA A 64 14.29 32.83 38.49
CA ALA A 64 12.98 32.94 37.87
C ALA A 64 13.06 32.86 36.35
N GLY A 65 14.22 33.21 35.78
CA GLY A 65 14.39 33.03 34.34
C GLY A 65 14.47 31.56 33.94
N VAL A 66 15.28 30.79 34.66
CA VAL A 66 15.40 29.37 34.35
C VAL A 66 14.13 28.61 34.70
N ARG A 67 13.27 29.18 35.54
CA ARG A 67 12.00 28.54 35.83
C ARG A 67 10.97 28.85 34.76
N GLY A 68 10.88 30.12 34.34
CA GLY A 68 9.97 30.46 33.25
C GLY A 68 10.37 29.84 31.93
N ALA A 69 11.66 29.88 31.61
CA ALA A 69 12.14 29.28 30.36
C ALA A 69 11.92 27.78 30.33
N ALA A 70 11.94 27.13 31.50
CA ALA A 70 11.70 25.69 31.55
C ALA A 70 10.23 25.38 31.37
N ILE A 71 9.34 26.20 31.95
CA ILE A 71 7.91 25.94 31.85
C ILE A 71 7.40 26.19 30.44
N THR A 72 7.87 27.25 29.79
CA THR A 72 7.36 27.61 28.48
C THR A 72 7.86 26.70 27.36
N ARG A 73 8.83 25.82 27.64
CA ARG A 73 9.20 24.79 26.67
C ARG A 73 8.53 23.46 26.94
N THR A 74 8.12 23.20 28.18
CA THR A 74 7.27 22.05 28.46
C THR A 74 5.86 22.29 27.97
N ALA A 75 5.31 23.47 28.27
CA ALA A 75 3.95 23.79 27.84
C ALA A 75 3.91 24.19 26.38
N GLY A 76 4.93 24.89 25.89
CA GLY A 76 4.95 25.27 24.48
C GLY A 76 4.98 24.08 23.55
N ARG A 77 5.80 23.08 23.88
CA ARG A 77 5.84 21.86 23.07
C ARG A 77 4.50 21.13 23.10
N TYR A 78 3.76 21.26 24.20
CA TYR A 78 2.44 20.64 24.26
C TYR A 78 1.49 21.28 23.25
N PHE A 79 1.40 22.61 23.27
CA PHE A 79 0.50 23.29 22.35
C PHE A 79 1.07 23.43 20.94
N GLU A 80 2.38 23.31 20.77
CA GLU A 80 2.93 23.21 19.42
C GLU A 80 2.46 21.95 18.73
N ARG A 81 2.46 20.82 19.46
CA ARG A 81 2.00 19.56 18.90
C ARG A 81 0.49 19.53 18.74
N LEU A 82 -0.24 20.38 19.45
CA LEU A 82 -1.69 20.41 19.29
C LEU A 82 -2.12 21.27 18.11
N VAL A 83 -1.59 22.49 18.04
CA VAL A 83 -1.98 23.39 16.95
C VAL A 83 -1.44 22.89 15.62
N SER A 84 -0.22 22.35 15.62
CA SER A 84 0.34 21.82 14.37
C SER A 84 -0.49 20.67 13.83
N HIS A 85 -0.90 19.75 14.71
CA HIS A 85 -1.67 18.60 14.26
C HIS A 85 -3.12 18.97 13.99
N ASP A 86 -3.69 19.86 14.79
CA ASP A 86 -5.06 20.31 14.52
C ASP A 86 -5.14 21.06 13.20
N ALA A 87 -4.17 21.94 12.94
CA ALA A 87 -4.13 22.65 11.66
C ALA A 87 -3.85 21.71 10.50
N THR A 88 -3.02 20.70 10.72
CA THR A 88 -2.78 19.69 9.69
C THR A 88 -4.06 18.92 9.37
N PHE A 89 -4.88 18.63 10.38
CA PHE A 89 -6.10 17.85 10.14
C PHE A 89 -7.15 18.66 9.39
N ARG A 90 -7.12 19.98 9.52
CA ARG A 90 -8.05 20.82 8.75
C ARG A 90 -7.62 20.90 7.29
N VAL A 91 -6.32 21.02 7.04
CA VAL A 91 -5.81 21.01 5.68
C VAL A 91 -6.05 19.66 5.02
N LEU A 92 -5.97 18.58 5.80
CA LEU A 92 -6.25 17.24 5.27
C LEU A 92 -7.65 17.17 4.71
N GLN A 93 -8.61 17.80 5.39
CA GLN A 93 -9.98 17.81 4.89
C GLN A 93 -10.09 18.57 3.57
N HIS A 94 -9.38 19.69 3.44
CA HIS A 94 -9.39 20.42 2.19
C HIS A 94 -8.65 19.66 1.09
N LEU A 95 -7.58 18.94 1.46
CA LEU A 95 -6.85 18.16 0.47
C LEU A 95 -7.67 17.00 -0.04
N ARG A 96 -8.44 16.38 0.87
CA ARG A 96 -9.29 15.22 0.51
C ARG A 96 -10.44 15.71 -0.38
N ILE A 97 -11.02 16.87 -0.05
CA ILE A 97 -12.10 17.43 -0.85
C ILE A 97 -11.59 17.91 -2.20
N TYR A 98 -10.44 18.57 -2.22
CA TYR A 98 -9.84 19.03 -3.48
C TYR A 98 -9.52 17.86 -4.39
N THR A 99 -8.90 16.81 -3.85
CA THR A 99 -8.57 15.64 -4.64
C THR A 99 -9.83 14.94 -5.14
N PHE A 100 -10.84 14.82 -4.28
CA PHE A 100 -12.08 14.17 -4.70
C PHE A 100 -12.79 14.99 -5.76
N SER A 101 -12.86 16.30 -5.61
CA SER A 101 -13.59 17.13 -6.55
C SER A 101 -12.87 17.22 -7.89
N LYS A 102 -11.55 17.09 -7.89
CA LYS A 102 -10.80 17.08 -9.14
C LYS A 102 -10.76 15.70 -9.78
N LEU A 103 -11.33 14.68 -9.15
CA LEU A 103 -11.35 13.34 -9.70
C LEU A 103 -12.74 12.89 -10.15
N LEU A 104 -13.80 13.51 -9.64
CA LEU A 104 -15.15 13.17 -10.07
C LEU A 104 -15.40 13.39 -11.56
N PRO A 105 -15.02 14.52 -12.17
CA PRO A 105 -15.32 14.71 -13.60
C PRO A 105 -14.63 13.71 -14.50
N LEU A 106 -13.59 13.03 -14.02
CA LEU A 106 -12.89 12.01 -14.77
C LEU A 106 -12.78 10.70 -13.98
N SER A 107 -13.87 10.32 -13.30
CA SER A 107 -13.82 9.17 -12.41
C SER A 107 -13.71 7.83 -13.15
N PRO A 108 -14.42 7.58 -14.25
CA PRO A 108 -14.22 6.30 -14.97
C PRO A 108 -13.23 6.36 -16.13
N ALA A 109 -12.79 7.55 -16.54
CA ALA A 109 -12.06 7.67 -17.79
C ALA A 109 -10.60 8.01 -17.57
N GLY A 110 -10.31 8.97 -16.70
CA GLY A 110 -8.95 9.39 -16.46
C GLY A 110 -8.19 8.39 -15.61
N LEU A 111 -8.92 7.51 -14.93
CA LEU A 111 -8.33 6.50 -14.07
C LEU A 111 -8.32 5.11 -14.70
N ALA A 112 -8.65 5.01 -15.98
CA ALA A 112 -8.71 3.71 -16.64
C ALA A 112 -7.38 3.30 -17.25
N ARG A 113 -6.40 4.20 -17.30
CA ARG A 113 -5.09 3.82 -17.79
C ARG A 113 -4.17 3.32 -16.68
N TYR A 114 -4.66 3.23 -15.45
CA TYR A 114 -3.92 2.70 -14.32
C TYR A 114 -4.62 1.44 -13.80
N ARG A 115 -3.93 0.74 -12.89
CA ARG A 115 -4.51 -0.39 -12.18
C ARG A 115 -5.24 0.16 -10.95
N GLN A 116 -6.56 0.21 -11.01
CA GLN A 116 -7.34 0.98 -10.04
C GLN A 116 -7.24 0.43 -8.62
N GLY A 117 -6.86 -0.83 -8.46
CA GLY A 117 -6.70 -1.37 -7.12
C GLY A 117 -5.57 -0.68 -6.37
N GLU A 118 -4.42 -0.53 -7.02
CA GLU A 118 -3.25 0.08 -6.41
C GLU A 118 -3.11 1.56 -6.72
N LEU A 119 -3.91 2.11 -7.64
CA LEU A 119 -3.83 3.54 -7.93
C LEU A 119 -4.43 4.36 -6.81
N LEU A 120 -5.61 3.97 -6.31
CA LEU A 120 -6.29 4.75 -5.30
C LEU A 120 -5.68 4.58 -3.92
N ASN A 121 -5.05 3.43 -3.65
CA ASN A 121 -4.27 3.31 -2.43
C ASN A 121 -3.06 4.22 -2.47
N ARG A 122 -2.52 4.46 -3.67
CA ARG A 122 -1.43 5.39 -3.84
C ARG A 122 -1.90 6.85 -3.79
N VAL A 123 -3.12 7.11 -4.27
CA VAL A 123 -3.68 8.46 -4.17
C VAL A 123 -3.93 8.85 -2.73
N VAL A 124 -4.44 7.91 -1.92
CA VAL A 124 -4.70 8.21 -0.51
C VAL A 124 -3.39 8.44 0.23
N ALA A 125 -2.35 7.68 -0.13
CA ALA A 125 -1.03 7.90 0.47
C ALA A 125 -0.41 9.18 -0.06
N ASP A 126 -0.69 9.55 -1.30
CA ASP A 126 -0.18 10.80 -1.84
C ASP A 126 -0.80 12.01 -1.18
N VAL A 127 -2.08 11.92 -0.79
CA VAL A 127 -2.71 13.01 -0.06
C VAL A 127 -2.17 13.09 1.36
N ASP A 128 -1.94 11.94 1.99
CA ASP A 128 -1.37 11.93 3.33
C ASP A 128 0.06 12.45 3.34
N THR A 129 0.81 12.20 2.27
CA THR A 129 2.17 12.72 2.17
C THR A 129 2.17 14.21 1.86
N LEU A 130 1.15 14.69 1.14
CA LEU A 130 1.03 16.13 0.91
C LEU A 130 0.58 16.86 2.16
N ASP A 131 -0.26 16.23 2.97
CA ASP A 131 -0.75 16.84 4.20
C ASP A 131 0.35 17.05 5.22
N HIS A 132 1.48 16.35 5.09
CA HIS A 132 2.58 16.44 6.03
C HIS A 132 3.74 17.26 5.50
N LEU A 133 3.51 18.07 4.46
CA LEU A 133 4.51 19.04 4.05
C LEU A 133 4.71 20.11 5.12
N TYR A 134 3.64 20.47 5.82
CA TYR A 134 3.74 21.49 6.85
C TYR A 134 4.49 20.97 8.08
N LEU A 135 4.14 19.77 8.54
CA LEU A 135 4.74 19.24 9.76
C LEU A 135 6.20 18.85 9.56
N ARG A 136 6.52 18.30 8.39
CA ARG A 136 7.84 17.73 8.16
C ARG A 136 8.81 18.66 7.45
N VAL A 137 8.32 19.55 6.60
CA VAL A 137 9.16 20.40 5.77
C VAL A 137 9.01 21.87 6.12
N ILE A 138 7.78 22.35 6.25
CA ILE A 138 7.57 23.78 6.40
C ILE A 138 7.82 24.24 7.82
N SER A 139 7.19 23.57 8.79
CA SER A 139 7.33 24.02 10.19
C SER A 139 8.77 23.99 10.69
N PRO A 140 9.58 22.94 10.44
CA PRO A 140 10.99 23.01 10.83
C PRO A 140 11.82 24.04 10.08
N LEU A 141 11.75 24.03 8.74
CA LEU A 141 12.59 24.92 7.96
C LEU A 141 12.25 26.39 8.22
N VAL A 142 10.96 26.70 8.40
CA VAL A 142 10.58 28.08 8.69
C VAL A 142 10.77 28.39 10.16
N GLY A 143 10.59 27.40 11.04
CA GLY A 143 10.84 27.62 12.45
C GLY A 143 12.32 27.71 12.79
N ALA A 144 13.17 27.05 11.99
CA ALA A 144 14.60 27.15 12.23
C ALA A 144 15.16 28.49 11.76
N PHE A 145 14.61 29.02 10.65
CA PHE A 145 15.13 30.27 10.11
C PHE A 145 14.93 31.42 11.08
N VAL A 146 13.76 31.50 11.72
CA VAL A 146 13.46 32.60 12.63
C VAL A 146 13.92 32.33 14.04
N VAL A 147 14.54 31.19 14.30
CA VAL A 147 15.31 31.00 15.54
C VAL A 147 16.77 31.34 15.32
N ILE A 148 17.32 30.97 14.16
CA ILE A 148 18.66 31.40 13.79
C ILE A 148 18.72 32.92 13.74
N MET A 149 17.62 33.58 13.38
CA MET A 149 17.60 35.03 13.34
C MET A 149 17.58 35.61 14.76
N VAL A 150 16.61 35.19 15.57
CA VAL A 150 16.47 35.75 16.92
C VAL A 150 17.74 35.51 17.73
N VAL A 151 18.36 34.34 17.56
CA VAL A 151 19.64 34.09 18.22
C VAL A 151 20.72 35.01 17.67
N THR A 152 20.71 35.25 16.36
CA THR A 152 21.73 36.11 15.75
C THR A 152 21.60 37.56 16.22
N ILE A 153 20.40 38.13 16.14
CA ILE A 153 20.18 39.46 16.69
C ILE A 153 20.32 39.43 18.21
N GLY A 154 19.88 38.35 18.85
CA GLY A 154 19.98 38.29 20.30
C GLY A 154 21.41 38.35 20.80
N LEU A 155 22.31 37.63 20.14
CA LEU A 155 23.72 37.62 20.52
C LEU A 155 24.50 38.76 19.89
N SER A 156 23.91 39.53 18.98
CA SER A 156 24.62 40.63 18.35
C SER A 156 24.83 41.78 19.31
N PHE A 157 24.10 41.84 20.42
CA PHE A 157 24.32 42.89 21.39
C PHE A 157 25.62 42.69 22.15
N LEU A 158 25.93 41.44 22.51
CA LEU A 158 27.18 41.17 23.21
C LEU A 158 28.38 41.32 22.29
N ASP A 159 28.33 40.73 21.10
CA ASP A 159 29.44 40.80 20.16
C ASP A 159 28.93 40.53 18.76
N PHE A 160 29.24 41.43 17.83
CA PHE A 160 28.74 41.28 16.47
C PHE A 160 29.42 40.13 15.74
N THR A 161 30.75 40.03 15.84
CA THR A 161 31.48 39.04 15.06
C THR A 161 31.16 37.62 15.49
N LEU A 162 30.92 37.39 16.78
CA LEU A 162 30.56 36.05 17.24
C LEU A 162 29.16 35.67 16.79
N ALA A 163 28.20 36.59 16.96
CA ALA A 163 26.84 36.29 16.55
C ALA A 163 26.72 36.13 15.03
N PHE A 164 27.51 36.89 14.28
CA PHE A 164 27.44 36.78 12.83
C PHE A 164 28.13 35.53 12.32
N THR A 165 29.10 34.99 13.06
CA THR A 165 29.75 33.77 12.62
C THR A 165 29.09 32.52 13.20
N LEU A 166 28.32 32.65 14.28
CA LEU A 166 27.47 31.54 14.70
C LEU A 166 26.19 31.51 13.90
N GLY A 167 25.49 32.65 13.82
CA GLY A 167 24.33 32.75 12.95
C GLY A 167 24.68 32.52 11.49
N GLY A 168 25.87 32.96 11.07
CA GLY A 168 26.28 32.71 9.70
C GLY A 168 26.50 31.24 9.40
N ILE A 169 27.16 30.53 10.31
CA ILE A 169 27.34 29.09 10.13
C ILE A 169 26.00 28.38 10.17
N MET A 170 25.15 28.74 11.12
CA MET A 170 23.83 28.11 11.22
C MET A 170 22.96 28.43 10.01
N LEU A 171 23.02 29.68 9.51
CA LEU A 171 22.26 30.04 8.33
C LEU A 171 22.75 29.30 7.09
N LEU A 172 24.07 29.16 6.95
CA LEU A 172 24.62 28.50 5.77
C LEU A 172 24.12 27.07 5.68
N THR A 173 24.16 26.32 6.78
CA THR A 173 23.70 24.95 6.77
C THR A 173 22.20 24.87 6.51
N LEU A 174 21.43 25.81 7.06
CA LEU A 174 19.99 25.81 6.85
C LEU A 174 19.67 26.03 5.38
N PHE A 175 20.38 26.94 4.72
CA PHE A 175 20.06 27.32 3.35
C PHE A 175 20.81 26.52 2.31
N LEU A 176 21.93 25.89 2.66
CA LEU A 176 22.75 25.20 1.68
C LEU A 176 22.73 23.69 1.80
N MET A 177 22.50 23.16 2.99
CA MET A 177 22.59 21.71 3.17
C MET A 177 21.33 20.97 2.70
N PRO A 178 20.11 21.43 3.01
CA PRO A 178 18.92 20.77 2.45
C PRO A 178 18.91 20.76 0.93
N PRO A 179 19.33 21.83 0.25
CA PRO A 179 19.37 21.76 -1.22
C PRO A 179 20.43 20.83 -1.77
N LEU A 180 21.61 20.74 -1.14
CA LEU A 180 22.66 19.90 -1.68
C LEU A 180 22.39 18.42 -1.43
N PHE A 181 21.57 18.10 -0.42
CA PHE A 181 21.20 16.72 -0.18
C PHE A 181 19.94 16.32 -0.94
N TYR A 182 19.02 17.25 -1.15
CA TYR A 182 17.91 16.98 -2.06
C TYR A 182 18.39 16.79 -3.48
N ARG A 183 19.48 17.47 -3.84
CA ARG A 183 20.06 17.30 -5.18
C ARG A 183 20.85 15.99 -5.26
N ALA A 184 21.54 15.62 -4.18
CA ALA A 184 22.36 14.41 -4.21
C ALA A 184 21.51 13.15 -4.26
N GLY A 185 20.40 13.13 -3.53
CA GLY A 185 19.52 11.99 -3.51
C GLY A 185 18.39 12.03 -4.52
N LYS A 186 18.39 13.01 -5.43
CA LYS A 186 17.31 13.13 -6.38
C LYS A 186 17.25 11.93 -7.32
N SER A 187 18.41 11.49 -7.82
CA SER A 187 18.45 10.33 -8.69
C SER A 187 18.02 9.07 -7.97
N THR A 188 18.50 8.88 -6.73
CA THR A 188 18.16 7.67 -5.98
C THR A 188 16.67 7.60 -5.69
N GLY A 189 16.05 8.71 -5.32
CA GLY A 189 14.62 8.71 -5.05
C GLY A 189 13.80 8.35 -6.26
N GLN A 190 14.34 8.68 -7.44
CA GLN A 190 13.68 8.34 -8.73
C GLN A 190 13.94 6.86 -8.99
N ASN A 191 15.18 6.40 -8.74
CA ASN A 191 15.53 5.00 -8.90
C ASN A 191 14.79 4.12 -7.89
N LEU A 192 14.63 4.62 -6.66
CA LEU A 192 13.96 3.85 -5.62
C LEU A 192 12.51 3.56 -5.97
N THR A 193 11.80 4.57 -6.47
CA THR A 193 10.39 4.37 -6.81
C THR A 193 10.20 3.63 -8.12
N HIS A 194 11.24 3.59 -8.96
CA HIS A 194 11.15 2.85 -10.22
C HIS A 194 11.46 1.38 -10.01
N LEU A 195 12.44 1.06 -9.17
CA LEU A 195 12.78 -0.33 -8.88
C LEU A 195 11.75 -1.00 -7.98
N ARG A 196 11.05 -0.19 -7.18
CA ARG A 196 9.99 -0.69 -6.27
C ARG A 196 8.80 -1.18 -7.11
N GLY A 197 8.39 -0.39 -8.10
CA GLY A 197 7.24 -0.74 -8.93
C GLY A 197 7.60 -1.78 -9.97
N GLN A 198 8.89 -1.91 -10.27
CA GLN A 198 9.34 -3.00 -11.14
C GLN A 198 9.34 -4.32 -10.40
N TYR A 199 9.77 -4.32 -9.14
CA TYR A 199 9.71 -5.53 -8.33
C TYR A 199 8.28 -5.97 -8.07
N ARG A 200 7.38 -5.00 -7.86
CA ARG A 200 5.97 -5.34 -7.72
C ARG A 200 5.40 -5.89 -9.02
N GLN A 201 5.86 -5.37 -10.15
CA GLN A 201 5.39 -5.83 -11.45
C GLN A 201 5.93 -7.22 -11.76
N GLN A 202 7.19 -7.48 -11.42
CA GLN A 202 7.78 -8.79 -11.64
C GLN A 202 7.28 -9.83 -10.64
N LEU A 203 7.02 -9.42 -9.40
CA LEU A 203 6.54 -10.36 -8.40
C LEU A 203 5.09 -10.78 -8.67
N THR A 204 4.24 -9.82 -9.00
CA THR A 204 2.85 -10.14 -9.30
C THR A 204 2.73 -11.07 -10.50
N ALA A 205 3.55 -10.85 -11.54
CA ALA A 205 3.55 -11.74 -12.69
C ALA A 205 4.23 -13.06 -12.39
N TRP A 206 5.08 -13.12 -11.37
CA TRP A 206 5.66 -14.39 -10.95
C TRP A 206 4.64 -15.23 -10.19
N LEU A 207 3.86 -14.60 -9.32
CA LEU A 207 2.86 -15.32 -8.55
C LEU A 207 1.70 -15.74 -9.43
N GLN A 208 1.19 -14.82 -10.24
CA GLN A 208 0.03 -15.12 -11.12
C GLN A 208 0.39 -16.21 -12.13
N GLY A 209 1.58 -16.14 -12.73
CA GLY A 209 1.97 -17.10 -13.74
C GLY A 209 2.70 -18.29 -13.18
N GLN A 210 2.51 -18.56 -11.89
CA GLN A 210 3.27 -19.63 -11.23
C GLN A 210 2.92 -20.99 -11.80
N ALA A 211 1.65 -21.21 -12.12
CA ALA A 211 1.27 -22.47 -12.76
C ALA A 211 1.93 -22.62 -14.12
N GLU A 212 1.97 -21.55 -14.91
CA GLU A 212 2.60 -21.58 -16.22
C GLU A 212 4.11 -21.55 -16.14
N LEU A 213 4.67 -20.77 -15.21
CA LEU A 213 6.12 -20.71 -15.10
C LEU A 213 6.70 -22.04 -14.65
N THR A 214 6.02 -22.75 -13.76
CA THR A 214 6.56 -24.00 -13.22
C THR A 214 6.63 -25.08 -14.28
N ILE A 215 5.57 -25.20 -15.10
CA ILE A 215 5.54 -26.25 -16.12
C ILE A 215 6.58 -26.01 -17.19
N PHE A 216 6.63 -24.77 -17.68
CA PHE A 216 7.54 -24.37 -18.79
C PHE A 216 8.98 -24.16 -18.30
N GLY A 217 9.25 -24.46 -17.03
CA GLY A 217 10.60 -24.38 -16.50
C GLY A 217 11.20 -22.99 -16.52
N ALA A 218 10.39 -21.98 -16.20
CA ALA A 218 10.88 -20.61 -16.12
C ALA A 218 10.71 -20.02 -14.73
N SER A 219 10.24 -20.80 -13.77
CA SER A 219 9.94 -20.26 -12.45
C SER A 219 11.22 -19.86 -11.71
N ASP A 220 12.35 -20.46 -12.08
CA ASP A 220 13.63 -20.09 -11.49
C ASP A 220 14.38 -19.07 -12.31
N ARG A 221 14.24 -19.11 -13.63
CA ARG A 221 14.80 -18.07 -14.48
C ARG A 221 14.13 -16.73 -14.23
N TYR A 222 12.83 -16.74 -13.94
CA TYR A 222 12.09 -15.51 -13.67
C TYR A 222 12.11 -15.12 -12.21
N ARG A 223 12.56 -16.01 -11.33
CA ARG A 223 12.82 -15.61 -9.95
C ARG A 223 14.21 -15.02 -9.81
N THR A 224 15.17 -15.48 -10.60
CA THR A 224 16.50 -14.88 -10.56
C THR A 224 16.46 -13.42 -10.97
N GLN A 225 15.72 -13.10 -12.03
CA GLN A 225 15.58 -11.72 -12.43
C GLN A 225 14.67 -10.94 -11.50
N LEU A 226 13.83 -11.64 -10.73
CA LEU A 226 13.07 -10.98 -9.68
C LEU A 226 13.96 -10.67 -8.48
N GLU A 227 14.85 -11.59 -8.13
CA GLU A 227 15.79 -11.38 -7.04
C GLU A 227 16.93 -10.45 -7.44
N ASN A 228 17.21 -10.30 -8.73
CA ASN A 228 18.18 -9.31 -9.17
C ASN A 228 17.60 -7.90 -9.10
N THR A 229 16.28 -7.77 -9.30
CA THR A 229 15.63 -6.49 -9.11
C THR A 229 15.64 -6.08 -7.64
N GLU A 230 15.43 -7.03 -6.73
CA GLU A 230 15.49 -6.72 -5.31
C GLU A 230 16.90 -6.31 -4.91
N ILE A 231 17.92 -6.96 -5.48
CA ILE A 231 19.29 -6.56 -5.21
C ILE A 231 19.52 -5.14 -5.71
N GLN A 232 19.04 -4.82 -6.91
CA GLN A 232 19.08 -3.45 -7.39
C GLN A 232 18.25 -2.53 -6.51
N TRP A 233 17.08 -2.99 -6.08
CA TRP A 233 16.21 -2.19 -5.23
C TRP A 233 16.83 -1.93 -3.88
N LEU A 234 17.39 -2.95 -3.25
CA LEU A 234 18.02 -2.79 -1.94
C LEU A 234 19.27 -1.93 -2.03
N GLU A 235 19.94 -1.93 -3.17
CA GLU A 235 21.08 -1.05 -3.36
C GLU A 235 20.65 0.41 -3.38
N ALA A 236 19.51 0.69 -4.01
CA ALA A 236 18.97 2.05 -4.00
C ALA A 236 18.55 2.46 -2.60
N GLN A 237 17.97 1.53 -1.84
CA GLN A 237 17.64 1.82 -0.44
C GLN A 237 18.90 2.07 0.37
N ARG A 238 19.98 1.36 0.09
CA ARG A 238 21.21 1.54 0.84
C ARG A 238 21.79 2.92 0.62
N ARG A 239 21.67 3.46 -0.60
CA ARG A 239 22.20 4.77 -0.90
C ARG A 239 21.42 5.89 -0.23
N GLN A 240 20.15 5.65 0.13
CA GLN A 240 19.43 6.64 0.91
C GLN A 240 19.86 6.63 2.37
N SER A 241 20.36 5.50 2.86
CA SER A 241 20.92 5.48 4.21
C SER A 241 22.34 6.01 4.23
N GLU A 242 22.99 6.18 3.08
CA GLU A 242 24.27 6.87 3.02
C GLU A 242 24.10 8.38 2.91
N LEU A 243 22.89 8.86 2.66
CA LEU A 243 22.58 10.28 2.76
C LEU A 243 21.89 10.63 4.06
N THR A 244 21.22 9.67 4.69
CA THR A 244 20.70 9.88 6.04
C THR A 244 21.81 9.77 7.07
N ALA A 245 22.80 8.91 6.82
CA ALA A 245 23.95 8.82 7.71
C ALA A 245 24.87 10.01 7.52
N LEU A 246 25.09 10.41 6.27
CA LEU A 246 26.00 11.52 6.01
C LEU A 246 25.42 12.84 6.48
N SER A 247 24.12 13.06 6.28
CA SER A 247 23.52 14.32 6.73
C SER A 247 23.45 14.37 8.25
N GLN A 248 23.40 13.22 8.89
CA GLN A 248 23.34 13.14 10.37
C GLN A 248 24.76 13.33 10.94
N ALA A 249 25.76 12.86 10.19
CA ALA A 249 27.16 13.03 10.59
C ALA A 249 27.66 14.43 10.25
N ILE A 250 27.20 15.01 9.14
CA ILE A 250 27.63 16.36 8.77
C ILE A 250 27.05 17.39 9.73
N MET A 251 25.79 17.22 10.11
CA MET A 251 25.20 18.14 11.08
C MET A 251 25.83 18.02 12.46
N LEU A 252 26.63 16.99 12.71
CA LEU A 252 27.35 16.87 13.97
C LEU A 252 28.77 17.43 13.86
N LEU A 253 29.33 17.48 12.66
CA LEU A 253 30.59 18.18 12.41
C LEU A 253 30.39 19.66 12.16
N ILE A 254 29.16 20.12 12.00
CA ILE A 254 28.86 21.54 11.92
C ILE A 254 28.53 22.10 13.30
N GLY A 255 27.72 21.38 14.06
CA GLY A 255 27.52 21.74 15.46
C GLY A 255 28.75 21.59 16.31
N ALA A 256 29.78 20.93 15.78
CA ALA A 256 31.09 20.85 16.41
C ALA A 256 32.00 21.98 15.99
N LEU A 257 31.88 22.43 14.74
CA LEU A 257 32.63 23.59 14.30
C LEU A 257 32.14 24.85 14.99
N ALA A 258 30.85 24.93 15.29
CA ALA A 258 30.31 26.10 15.97
C ALA A 258 30.53 26.07 17.47
N VAL A 259 31.02 24.97 18.02
CA VAL A 259 31.41 24.94 19.42
C VAL A 259 32.91 25.19 19.57
N ILE A 260 33.71 24.63 18.66
CA ILE A 260 35.14 24.93 18.64
C ILE A 260 35.37 26.39 18.33
N LEU A 261 34.51 26.99 17.49
CA LEU A 261 34.69 28.39 17.15
C LEU A 261 34.26 29.32 18.29
N MET A 262 33.15 29.03 18.95
CA MET A 262 32.75 29.86 20.09
C MET A 262 33.56 29.57 21.34
N LEU A 263 34.39 28.54 21.34
CA LEU A 263 35.39 28.41 22.41
C LEU A 263 36.64 29.20 22.06
N TRP A 264 37.16 29.03 20.85
CA TRP A 264 38.37 29.75 20.45
C TRP A 264 38.10 31.24 20.25
N MET A 265 37.04 31.58 19.51
CA MET A 265 36.81 32.98 19.18
C MET A 265 36.29 33.79 20.35
N ALA A 266 35.44 33.20 21.20
CA ALA A 266 34.90 33.93 22.33
C ALA A 266 35.84 33.93 23.53
N SER A 267 36.98 33.27 23.43
CA SER A 267 38.02 33.39 24.46
C SER A 267 39.03 34.48 24.13
N GLY A 268 38.92 35.12 22.97
CA GLY A 268 39.76 36.24 22.62
C GLY A 268 39.06 37.55 22.90
N GLY A 269 38.02 37.50 23.73
CA GLY A 269 37.27 38.68 24.09
C GLY A 269 35.92 38.74 23.43
N VAL A 270 34.87 38.88 24.22
CA VAL A 270 33.50 39.05 23.72
C VAL A 270 33.17 40.52 23.83
N GLY A 271 33.33 41.26 22.74
CA GLY A 271 33.13 42.69 22.74
C GLY A 271 34.42 43.40 23.12
N GLY A 272 34.40 44.13 24.22
CA GLY A 272 35.56 44.88 24.66
C GLY A 272 36.51 44.09 25.53
N ASN A 273 36.01 43.56 26.64
CA ASN A 273 36.88 42.95 27.65
C ASN A 273 37.59 41.73 27.09
N ALA A 274 38.90 41.67 27.31
CA ALA A 274 39.68 40.53 26.83
C ALA A 274 39.38 39.28 27.63
N GLN A 275 38.95 39.43 28.89
CA GLN A 275 38.58 38.30 29.73
C GLN A 275 37.08 38.28 29.93
N PRO A 276 36.32 37.69 29.00
CA PRO A 276 34.85 37.75 29.12
C PRO A 276 34.31 37.09 30.37
N GLY A 277 34.93 36.00 30.82
CA GLY A 277 34.44 35.26 31.95
C GLY A 277 33.18 34.47 31.63
N ALA A 278 32.07 34.82 32.27
CA ALA A 278 30.83 34.10 32.06
C ALA A 278 30.32 34.17 30.63
N LEU A 279 30.69 35.21 29.88
CA LEU A 279 30.19 35.38 28.53
C LEU A 279 30.63 34.26 27.60
N ILE A 280 31.75 33.60 27.89
CA ILE A 280 32.19 32.49 27.05
C ILE A 280 31.18 31.37 27.08
N ALA A 281 30.65 31.05 28.27
CA ALA A 281 29.66 29.99 28.38
C ALA A 281 28.38 30.34 27.64
N LEU A 282 27.94 31.59 27.74
CA LEU A 282 26.71 31.99 27.08
C LEU A 282 26.80 31.85 25.56
N PHE A 283 28.01 31.88 25.00
CA PHE A 283 28.19 31.69 23.57
C PHE A 283 28.48 30.24 23.21
N VAL A 284 29.22 29.52 24.06
CA VAL A 284 29.47 28.11 23.81
C VAL A 284 28.20 27.29 24.02
N PHE A 285 27.42 27.62 25.06
CA PHE A 285 26.21 26.87 25.32
C PHE A 285 25.08 27.26 24.38
N CYS A 286 25.07 28.49 23.87
CA CYS A 286 24.13 28.84 22.81
C CYS A 286 24.42 28.04 21.55
N ALA A 287 25.69 28.03 21.12
CA ALA A 287 26.06 27.21 19.98
C ALA A 287 25.83 25.74 20.23
N LEU A 288 25.84 25.32 21.50
CA LEU A 288 25.57 23.93 21.83
C LEU A 288 24.09 23.61 21.71
N ALA A 289 23.22 24.50 22.17
CA ALA A 289 21.79 24.25 22.19
C ALA A 289 21.05 24.77 20.96
N ALA A 290 21.71 25.55 20.10
CA ALA A 290 21.02 26.13 18.96
C ALA A 290 20.92 25.18 17.78
N PHE A 291 21.68 24.08 17.78
CA PHE A 291 21.65 23.13 16.69
C PHE A 291 20.61 22.04 16.89
N GLU A 292 19.75 22.16 17.90
CA GLU A 292 18.54 21.35 17.92
C GLU A 292 17.44 21.98 17.08
N ALA A 293 17.59 23.27 16.75
CA ALA A 293 16.69 23.89 15.78
C ALA A 293 16.87 23.28 14.41
N LEU A 294 18.11 22.94 14.06
CA LEU A 294 18.43 22.35 12.77
C LEU A 294 18.33 20.83 12.77
N ALA A 295 18.10 20.21 13.91
CA ALA A 295 17.89 18.76 13.94
C ALA A 295 16.69 18.32 13.12
N PRO A 296 15.52 18.97 13.20
CA PRO A 296 14.45 18.62 12.24
C PRO A 296 14.84 18.90 10.80
N VAL A 297 15.74 19.85 10.56
CA VAL A 297 16.10 20.26 9.21
C VAL A 297 16.91 19.18 8.50
N THR A 298 17.72 18.41 9.25
CA THR A 298 18.61 17.45 8.61
C THR A 298 17.85 16.30 7.93
N GLY A 299 16.56 16.14 8.20
CA GLY A 299 15.77 15.13 7.55
C GLY A 299 14.79 15.70 6.54
N ALA A 300 14.65 17.03 6.52
CA ALA A 300 13.68 17.68 5.67
C ALA A 300 14.05 17.62 4.20
N PHE A 301 15.26 17.17 3.86
CA PHE A 301 15.58 16.92 2.46
C PHE A 301 14.96 15.63 1.96
N GLN A 302 14.85 14.63 2.82
CA GLN A 302 14.20 13.38 2.44
C GLN A 302 12.70 13.54 2.35
N HIS A 303 12.12 14.36 3.23
CA HIS A 303 10.68 14.56 3.23
C HIS A 303 10.23 15.50 2.13
N LEU A 304 11.06 16.47 1.75
CA LEU A 304 10.70 17.35 0.65
C LEU A 304 10.67 16.60 -0.67
N GLY A 305 11.59 15.65 -0.85
CA GLY A 305 11.61 14.86 -2.06
C GLY A 305 10.38 14.00 -2.23
N GLN A 306 9.88 13.47 -1.12
CA GLN A 306 8.67 12.61 -1.16
C GLN A 306 7.45 13.47 -1.45
N VAL A 307 7.31 14.60 -0.77
CA VAL A 307 6.15 15.47 -0.95
C VAL A 307 6.11 16.01 -2.37
N ILE A 308 7.28 16.32 -2.94
CA ILE A 308 7.33 16.78 -4.32
C ILE A 308 6.87 15.69 -5.27
N ALA A 309 7.29 14.45 -5.02
CA ALA A 309 6.86 13.34 -5.85
C ALA A 309 5.36 13.14 -5.77
N SER A 310 4.79 13.23 -4.56
CA SER A 310 3.35 13.12 -4.41
C SER A 310 2.64 14.28 -5.08
N ALA A 311 3.20 15.49 -5.00
CA ALA A 311 2.59 16.64 -5.64
C ALA A 311 2.54 16.47 -7.15
N VAL A 312 3.63 15.98 -7.74
CA VAL A 312 3.66 15.72 -9.18
C VAL A 312 2.72 14.57 -9.53
N ARG A 313 2.76 13.51 -8.73
CA ARG A 313 1.98 12.32 -9.03
C ARG A 313 0.48 12.61 -8.95
N ILE A 314 0.05 13.36 -7.93
CA ILE A 314 -1.35 13.75 -7.82
C ILE A 314 -1.73 14.69 -8.95
N SER A 315 -0.87 15.67 -9.24
CA SER A 315 -1.24 16.71 -10.19
C SER A 315 -1.48 16.14 -11.58
N ASP A 316 -0.52 15.39 -12.11
CA ASP A 316 -0.67 14.89 -13.48
C ASP A 316 -1.80 13.88 -13.60
N LEU A 317 -2.33 13.41 -12.48
CA LEU A 317 -3.54 12.59 -12.50
C LEU A 317 -4.79 13.44 -12.55
N THR A 318 -4.81 14.56 -11.82
CA THR A 318 -5.97 15.43 -11.74
C THR A 318 -5.88 16.65 -12.65
N ASP A 319 -4.77 16.84 -13.35
CA ASP A 319 -4.61 17.96 -14.27
C ASP A 319 -4.87 17.57 -15.72
N GLN A 320 -5.39 16.37 -15.94
CA GLN A 320 -5.79 15.95 -17.28
C GLN A 320 -7.27 16.21 -17.50
N LYS A 321 -7.67 16.22 -18.78
CA LYS A 321 -8.97 16.76 -19.11
C LYS A 321 -10.02 15.65 -19.17
N PRO A 322 -11.24 15.94 -18.69
CA PRO A 322 -12.32 14.95 -18.78
C PRO A 322 -12.61 14.58 -20.22
N GLU A 323 -12.92 13.30 -20.43
CA GLU A 323 -13.21 12.81 -21.77
C GLU A 323 -14.50 13.40 -22.32
N VAL A 324 -15.52 13.54 -21.47
CA VAL A 324 -16.83 13.99 -21.89
C VAL A 324 -17.02 15.44 -21.48
N THR A 325 -17.89 16.14 -22.22
CA THR A 325 -18.19 17.54 -21.98
C THR A 325 -19.69 17.70 -21.85
N PHE A 326 -20.16 17.98 -20.64
CA PHE A 326 -21.59 18.09 -20.35
C PHE A 326 -22.06 19.52 -20.57
N PRO A 327 -23.09 19.73 -21.39
CA PRO A 327 -23.62 21.08 -21.58
C PRO A 327 -24.37 21.57 -20.36
N ASP A 328 -24.81 22.83 -20.42
CA ASP A 328 -25.55 23.46 -19.35
C ASP A 328 -26.95 23.88 -19.78
N THR A 329 -27.50 23.24 -20.82
CA THR A 329 -28.78 23.64 -21.38
C THR A 329 -29.93 23.47 -20.40
N GLN A 330 -29.77 22.66 -19.36
CA GLN A 330 -30.80 22.44 -18.34
C GLN A 330 -32.09 21.94 -18.97
N THR A 331 -32.01 20.76 -19.59
CA THR A 331 -33.19 20.13 -20.17
C THR A 331 -34.04 19.50 -19.09
N ARG A 332 -35.23 19.06 -19.48
CA ARG A 332 -36.14 18.37 -18.58
C ARG A 332 -36.12 16.87 -18.85
N VAL A 333 -36.18 16.09 -17.78
CA VAL A 333 -36.12 14.63 -17.85
C VAL A 333 -37.45 14.11 -18.40
N ALA A 334 -37.36 13.19 -19.35
CA ALA A 334 -38.54 12.64 -19.99
C ALA A 334 -39.18 11.57 -19.09
N ASP A 335 -40.45 11.27 -19.38
CA ASP A 335 -41.15 10.23 -18.64
C ASP A 335 -40.85 8.85 -19.19
N ARG A 336 -40.60 8.74 -20.50
CA ARG A 336 -40.28 7.48 -21.15
C ARG A 336 -39.27 7.77 -22.25
N VAL A 337 -38.17 7.02 -22.26
CA VAL A 337 -37.06 7.29 -23.18
C VAL A 337 -36.85 6.10 -24.09
N SER A 338 -36.48 6.37 -25.33
CA SER A 338 -36.15 5.36 -26.31
C SER A 338 -34.68 5.48 -26.69
N LEU A 339 -33.97 4.37 -26.68
CA LEU A 339 -32.54 4.35 -26.93
C LEU A 339 -32.25 4.01 -28.39
N THR A 340 -31.42 4.81 -29.03
CA THR A 340 -31.03 4.60 -30.41
C THR A 340 -29.51 4.72 -30.52
N LEU A 341 -28.90 3.81 -31.26
CA LEU A 341 -27.47 3.84 -31.52
C LEU A 341 -27.23 3.62 -33.01
N ARG A 342 -26.28 4.36 -33.56
CA ARG A 342 -25.93 4.25 -34.98
C ARG A 342 -24.42 4.18 -35.11
N ASP A 343 -23.91 3.00 -35.46
CA ASP A 343 -22.50 2.81 -35.81
C ASP A 343 -21.56 3.34 -34.73
N VAL A 344 -21.88 3.06 -33.47
CA VAL A 344 -21.07 3.53 -32.36
C VAL A 344 -19.74 2.78 -32.37
N GLN A 345 -18.65 3.52 -32.52
CA GLN A 345 -17.30 2.97 -32.46
C GLN A 345 -16.54 3.64 -31.34
N PHE A 346 -15.64 2.90 -30.71
CA PHE A 346 -14.88 3.43 -29.60
C PHE A 346 -13.61 2.60 -29.41
N THR A 347 -12.46 3.25 -29.54
CA THR A 347 -11.17 2.65 -29.23
C THR A 347 -10.70 3.24 -27.90
N TYR A 348 -10.38 2.37 -26.95
CA TYR A 348 -9.98 2.83 -25.64
C TYR A 348 -8.71 3.67 -25.76
N PRO A 349 -8.50 4.65 -24.90
CA PRO A 349 -7.29 5.47 -24.98
C PRO A 349 -6.03 4.61 -24.93
N GLU A 350 -5.04 5.00 -25.73
CA GLU A 350 -3.72 4.37 -25.74
C GLU A 350 -3.80 2.91 -26.18
N GLN A 351 -4.76 2.57 -27.04
CA GLN A 351 -4.91 1.22 -27.57
C GLN A 351 -5.03 1.28 -29.08
N SER A 352 -4.61 0.19 -29.72
CA SER A 352 -4.61 0.09 -31.18
C SER A 352 -5.67 -0.86 -31.71
N GLN A 353 -6.51 -1.42 -30.85
CA GLN A 353 -7.56 -2.34 -31.25
C GLN A 353 -8.91 -1.81 -30.81
N GLN A 354 -9.90 -1.87 -31.70
CA GLN A 354 -11.20 -1.28 -31.43
C GLN A 354 -12.00 -2.15 -30.47
N ALA A 355 -12.50 -1.54 -29.40
CA ALA A 355 -13.34 -2.27 -28.46
C ALA A 355 -14.74 -2.45 -29.00
N LEU A 356 -15.24 -1.46 -29.75
CA LEU A 356 -16.57 -1.50 -30.34
C LEU A 356 -16.42 -1.20 -31.83
N LYS A 357 -16.50 -2.25 -32.66
CA LYS A 357 -16.31 -2.06 -34.09
C LYS A 357 -17.43 -1.21 -34.68
N GLY A 358 -18.68 -1.59 -34.43
CA GLY A 358 -19.82 -0.80 -34.83
C GLY A 358 -21.11 -1.37 -34.28
N ILE A 359 -21.92 -0.53 -33.63
CA ILE A 359 -23.12 -0.97 -32.93
C ILE A 359 -24.31 -0.23 -33.53
N SER A 360 -25.27 -0.99 -34.05
CA SER A 360 -26.58 -0.48 -34.42
C SER A 360 -27.61 -1.13 -33.53
N LEU A 361 -28.41 -0.32 -32.84
CA LEU A 361 -29.25 -0.82 -31.76
C LEU A 361 -30.40 0.14 -31.53
N GLN A 362 -31.62 -0.35 -31.68
CA GLN A 362 -32.83 0.44 -31.44
C GLN A 362 -33.58 -0.18 -30.28
N VAL A 363 -33.83 0.63 -29.24
CA VAL A 363 -34.53 0.19 -28.04
C VAL A 363 -35.67 1.17 -27.80
N ASN A 364 -36.86 0.80 -28.23
CA ASN A 364 -38.02 1.66 -28.04
C ASN A 364 -38.40 1.74 -26.56
N ALA A 365 -39.24 2.72 -26.24
CA ALA A 365 -39.65 2.92 -24.86
C ALA A 365 -40.44 1.71 -24.36
N GLY A 366 -40.25 1.39 -23.08
CA GLY A 366 -40.95 0.26 -22.48
C GLY A 366 -40.61 -1.08 -23.09
N GLU A 367 -39.38 -1.25 -23.54
CA GLU A 367 -38.95 -2.47 -24.20
C GLU A 367 -37.77 -3.07 -23.45
N HIS A 368 -37.80 -4.39 -23.26
CA HIS A 368 -36.80 -5.10 -22.47
C HIS A 368 -35.84 -5.81 -23.44
N ILE A 369 -34.63 -5.30 -23.54
CA ILE A 369 -33.61 -5.85 -24.41
C ILE A 369 -32.56 -6.54 -23.56
N ALA A 370 -31.98 -7.62 -24.09
CA ALA A 370 -30.90 -8.33 -23.43
C ALA A 370 -29.71 -8.40 -24.37
N ILE A 371 -28.51 -8.24 -23.81
CA ILE A 371 -27.27 -8.30 -24.59
C ILE A 371 -26.46 -9.50 -24.10
N LEU A 372 -26.16 -10.42 -25.01
CA LEU A 372 -25.41 -11.62 -24.70
C LEU A 372 -24.01 -11.55 -25.29
N GLY A 373 -23.04 -11.99 -24.52
CA GLY A 373 -21.66 -12.07 -25.00
C GLY A 373 -20.82 -12.82 -23.98
N ARG A 374 -19.63 -13.20 -24.41
CA ARG A 374 -18.69 -13.83 -23.51
C ARG A 374 -17.82 -12.76 -22.84
N THR A 375 -16.77 -13.22 -22.15
CA THR A 375 -15.87 -12.30 -21.48
C THR A 375 -15.14 -11.43 -22.51
N GLY A 376 -15.14 -10.12 -22.26
CA GLY A 376 -14.36 -9.20 -23.07
C GLY A 376 -14.89 -8.90 -24.44
N CYS A 377 -16.18 -9.13 -24.69
CA CYS A 377 -16.74 -8.78 -26.00
C CYS A 377 -16.94 -7.28 -26.13
N GLY A 378 -17.24 -6.59 -25.03
CA GLY A 378 -17.38 -5.15 -25.07
C GLY A 378 -18.73 -4.66 -24.61
N LYS A 379 -19.48 -5.51 -23.89
CA LYS A 379 -20.84 -5.15 -23.52
C LYS A 379 -20.85 -4.11 -22.39
N SER A 380 -20.00 -4.28 -21.38
CA SER A 380 -19.92 -3.29 -20.32
C SER A 380 -19.23 -2.03 -20.80
N THR A 381 -18.57 -2.10 -21.96
CA THR A 381 -18.09 -0.89 -22.62
C THR A 381 -19.23 -0.13 -23.29
N LEU A 382 -20.25 -0.84 -23.75
CA LEU A 382 -21.41 -0.18 -24.34
C LEU A 382 -22.22 0.57 -23.29
N LEU A 383 -22.35 0.00 -22.10
CA LEU A 383 -23.12 0.66 -21.04
C LEU A 383 -22.44 1.93 -20.56
N GLN A 384 -21.13 2.02 -20.72
CA GLN A 384 -20.41 3.23 -20.31
C GLN A 384 -20.41 4.30 -21.39
N GLN A 385 -20.87 3.99 -22.60
CA GLN A 385 -21.20 5.02 -23.56
C GLN A 385 -22.56 5.63 -23.27
N LEU A 386 -23.48 4.83 -22.71
CA LEU A 386 -24.82 5.32 -22.40
C LEU A 386 -24.84 6.19 -21.14
N THR A 387 -23.94 5.93 -20.20
CA THR A 387 -23.78 6.81 -19.05
C THR A 387 -22.75 7.89 -19.30
N ARG A 388 -22.19 7.94 -20.50
CA ARG A 388 -21.23 8.98 -20.89
C ARG A 388 -19.97 8.94 -20.02
N ALA A 389 -19.45 7.73 -19.83
CA ALA A 389 -18.10 7.61 -19.28
C ALA A 389 -17.06 7.95 -20.34
N TRP A 390 -17.32 7.55 -21.58
CA TRP A 390 -16.50 7.90 -22.74
C TRP A 390 -17.40 8.43 -23.84
N ASP A 391 -16.77 8.97 -24.89
CA ASP A 391 -17.47 9.45 -26.06
C ASP A 391 -17.09 8.60 -27.27
N PRO A 392 -18.06 8.06 -28.00
CA PRO A 392 -17.72 7.26 -29.17
C PRO A 392 -17.04 8.11 -30.24
N GLN A 393 -15.92 7.60 -30.74
CA GLN A 393 -15.18 8.34 -31.76
C GLN A 393 -16.00 8.48 -33.04
N GLN A 394 -16.58 7.39 -33.51
CA GLN A 394 -17.49 7.39 -34.64
C GLN A 394 -18.80 6.74 -34.21
N GLY A 395 -19.90 7.44 -34.36
CA GLY A 395 -21.20 6.93 -33.98
C GLY A 395 -22.02 7.98 -33.28
N GLU A 396 -23.34 7.75 -33.26
CA GLU A 396 -24.28 8.70 -32.69
C GLU A 396 -25.19 7.96 -31.73
N ILE A 397 -25.35 8.49 -30.51
CA ILE A 397 -26.19 7.90 -29.48
C ILE A 397 -27.35 8.85 -29.23
N LEU A 398 -28.57 8.30 -29.21
CA LEU A 398 -29.78 9.10 -29.16
C LEU A 398 -30.63 8.70 -27.96
N LEU A 399 -31.22 9.70 -27.31
CA LEU A 399 -32.27 9.50 -26.32
C LEU A 399 -33.50 10.26 -26.79
N ASN A 400 -34.58 9.52 -27.09
CA ASN A 400 -35.80 10.11 -27.62
C ASN A 400 -35.52 10.92 -28.88
N ASP A 401 -34.66 10.37 -29.74
CA ASP A 401 -34.25 11.00 -31.00
C ASP A 401 -33.60 12.36 -30.77
N SER A 402 -32.99 12.55 -29.61
CA SER A 402 -32.18 13.72 -29.31
C SER A 402 -30.83 13.25 -28.80
N PRO A 403 -29.74 13.86 -29.25
CA PRO A 403 -28.41 13.32 -28.93
C PRO A 403 -28.18 13.29 -27.43
N ILE A 404 -27.54 12.20 -26.98
CA ILE A 404 -27.28 12.03 -25.56
C ILE A 404 -26.26 13.03 -25.06
N ALA A 405 -25.41 13.54 -25.95
CA ALA A 405 -24.40 14.54 -25.56
C ALA A 405 -25.01 15.90 -25.27
N SER A 406 -26.29 16.10 -25.57
CA SER A 406 -26.95 17.39 -25.39
C SER A 406 -27.67 17.49 -24.04
N LEU A 407 -27.55 16.48 -23.19
CA LEU A 407 -28.18 16.48 -21.88
C LEU A 407 -27.19 16.94 -20.83
N ASN A 408 -27.59 17.92 -20.02
CA ASN A 408 -26.77 18.30 -18.88
C ASN A 408 -26.69 17.15 -17.89
N GLU A 409 -25.56 17.09 -17.18
CA GLU A 409 -25.28 15.90 -16.37
C GLU A 409 -26.36 15.64 -15.33
N ALA A 410 -26.87 16.70 -14.70
CA ALA A 410 -27.90 16.52 -13.68
C ALA A 410 -29.17 15.94 -14.26
N ALA A 411 -29.39 16.09 -15.57
CA ALA A 411 -30.55 15.49 -16.20
C ALA A 411 -30.26 14.09 -16.71
N LEU A 412 -29.02 13.85 -17.15
CA LEU A 412 -28.64 12.51 -17.61
C LEU A 412 -28.67 11.52 -16.46
N ARG A 413 -28.18 11.92 -15.28
CA ARG A 413 -28.20 11.05 -14.12
C ARG A 413 -29.60 10.75 -13.61
N GLN A 414 -30.60 11.55 -14.03
CA GLN A 414 -31.98 11.28 -13.67
C GLN A 414 -32.73 10.53 -14.76
N THR A 415 -32.16 10.41 -15.96
CA THR A 415 -32.74 9.60 -17.02
C THR A 415 -32.25 8.16 -16.98
N ILE A 416 -30.97 7.95 -16.62
CA ILE A 416 -30.35 6.64 -16.63
C ILE A 416 -30.31 6.10 -15.21
N SER A 417 -30.84 4.89 -15.03
CA SER A 417 -30.66 4.14 -13.79
C SER A 417 -29.85 2.89 -14.13
N VAL A 418 -28.77 2.65 -13.41
CA VAL A 418 -27.87 1.56 -13.74
C VAL A 418 -27.48 0.81 -12.48
N VAL A 419 -27.51 -0.52 -12.55
CA VAL A 419 -26.88 -1.39 -11.57
C VAL A 419 -25.55 -1.85 -12.13
N PRO A 420 -24.43 -1.55 -11.48
CA PRO A 420 -23.13 -1.87 -12.06
C PRO A 420 -22.84 -3.36 -12.00
N GLN A 421 -21.83 -3.78 -12.77
CA GLN A 421 -21.33 -5.14 -12.67
C GLN A 421 -20.68 -5.38 -11.31
N ARG A 422 -19.94 -4.41 -10.82
CA ARG A 422 -19.29 -4.48 -9.52
C ARG A 422 -20.05 -3.57 -8.57
N VAL A 423 -20.98 -4.15 -7.80
CA VAL A 423 -21.76 -3.38 -6.86
C VAL A 423 -20.86 -2.90 -5.74
N HIS A 424 -20.94 -1.61 -5.42
CA HIS A 424 -20.09 -1.02 -4.40
C HIS A 424 -20.91 -0.83 -3.12
N LEU A 425 -20.41 -1.40 -2.04
CA LEU A 425 -21.03 -1.29 -0.72
C LEU A 425 -20.31 -0.20 0.04
N PHE A 426 -20.96 0.97 0.15
CA PHE A 426 -20.36 2.06 0.89
C PHE A 426 -20.31 1.75 2.37
N SER A 427 -19.33 2.34 3.06
CA SER A 427 -19.15 2.10 4.48
C SER A 427 -20.34 2.58 5.31
N ALA A 428 -21.05 3.60 4.87
CA ALA A 428 -22.09 4.21 5.69
C ALA A 428 -23.23 3.21 5.93
N THR A 429 -24.19 3.64 6.75
CA THR A 429 -25.28 2.78 7.21
C THR A 429 -26.12 2.28 6.03
N LEU A 430 -26.97 1.30 6.33
CA LEU A 430 -27.83 0.72 5.31
C LEU A 430 -28.77 1.76 4.73
N ARG A 431 -29.26 2.68 5.57
CA ARG A 431 -30.11 3.75 5.08
C ARG A 431 -29.34 4.66 4.13
N ASP A 432 -28.07 4.94 4.45
CA ASP A 432 -27.27 5.82 3.60
C ASP A 432 -26.86 5.13 2.31
N ASN A 433 -26.76 3.81 2.31
CA ASN A 433 -26.45 3.09 1.07
C ASN A 433 -27.63 3.12 0.11
N LEU A 434 -28.84 3.33 0.62
CA LEU A 434 -30.01 3.46 -0.23
C LEU A 434 -30.36 4.91 -0.54
N LEU A 435 -30.06 5.83 0.38
CA LEU A 435 -30.40 7.23 0.18
C LEU A 435 -29.58 7.90 -0.91
N LEU A 436 -28.52 7.26 -1.40
CA LEU A 436 -27.83 7.82 -2.56
C LEU A 436 -28.64 7.63 -3.83
N ALA A 437 -29.49 6.60 -3.87
CA ALA A 437 -30.42 6.45 -4.98
C ALA A 437 -31.43 7.58 -5.01
N SER A 438 -32.09 7.84 -3.89
CA SER A 438 -33.06 8.91 -3.76
C SER A 438 -32.90 9.58 -2.40
N PRO A 439 -32.30 10.76 -2.33
CA PRO A 439 -32.09 11.41 -1.01
C PRO A 439 -33.38 11.75 -0.29
N GLY A 440 -34.46 12.05 -1.01
CA GLY A 440 -35.68 12.49 -0.40
C GLY A 440 -36.60 11.42 0.14
N SER A 441 -36.23 10.15 -0.03
CA SER A 441 -37.08 9.06 0.46
C SER A 441 -37.10 9.03 1.98
N SER A 442 -38.18 8.49 2.53
CA SER A 442 -38.36 8.35 3.97
C SER A 442 -37.93 6.96 4.42
N ASP A 443 -37.86 6.79 5.75
CA ASP A 443 -37.44 5.51 6.30
C ASP A 443 -38.43 4.40 5.94
N GLU A 444 -39.72 4.69 5.97
CA GLU A 444 -40.71 3.72 5.52
C GLU A 444 -40.59 3.48 4.02
N ALA A 445 -40.33 4.55 3.24
CA ALA A 445 -40.13 4.39 1.81
C ALA A 445 -38.93 3.52 1.52
N LEU A 446 -37.84 3.70 2.28
CA LEU A 446 -36.68 2.83 2.13
C LEU A 446 -37.03 1.40 2.54
N SER A 447 -37.83 1.23 3.58
CA SER A 447 -38.12 -0.10 4.11
C SER A 447 -38.92 -0.93 3.13
N GLU A 448 -39.92 -0.33 2.47
CA GLU A 448 -40.78 -1.10 1.58
C GLU A 448 -40.00 -1.69 0.42
N ILE A 449 -39.09 -0.91 -0.17
CA ILE A 449 -38.27 -1.43 -1.26
C ILE A 449 -37.31 -2.48 -0.74
N LEU A 450 -36.79 -2.29 0.48
CA LEU A 450 -35.80 -3.23 1.01
C LEU A 450 -36.41 -4.60 1.28
N ARG A 451 -37.63 -4.65 1.79
CA ARG A 451 -38.28 -5.93 2.04
C ARG A 451 -38.94 -6.48 0.78
N ARG A 452 -39.13 -5.66 -0.25
CA ARG A 452 -39.75 -6.12 -1.48
C ARG A 452 -38.76 -6.86 -2.36
N VAL A 453 -37.48 -6.47 -2.32
CA VAL A 453 -36.45 -7.15 -3.11
C VAL A 453 -35.90 -8.38 -2.41
N GLY A 454 -36.50 -8.81 -1.31
CA GLY A 454 -36.02 -9.96 -0.59
C GLY A 454 -35.02 -9.68 0.49
N LEU A 455 -34.61 -8.43 0.67
CA LEU A 455 -33.68 -8.05 1.72
C LEU A 455 -34.41 -7.65 3.00
N GLU A 456 -35.33 -8.51 3.46
CA GLU A 456 -36.01 -8.24 4.71
C GLU A 456 -35.14 -8.61 5.91
N LYS A 457 -34.15 -9.48 5.71
CA LYS A 457 -33.23 -9.85 6.77
C LYS A 457 -32.35 -8.69 7.20
N LEU A 458 -32.29 -7.62 6.42
CA LEU A 458 -31.56 -6.41 6.78
C LEU A 458 -32.40 -5.44 7.60
N LEU A 459 -33.61 -5.83 7.99
CA LEU A 459 -34.52 -4.96 8.74
C LEU A 459 -34.71 -5.46 10.17
N GLU A 460 -33.68 -6.03 10.77
CA GLU A 460 -33.72 -6.54 12.12
C GLU A 460 -32.45 -6.17 12.86
N ASP A 461 -32.57 -6.04 14.19
CA ASP A 461 -31.44 -5.68 15.06
C ASP A 461 -30.84 -4.34 14.62
N ALA A 462 -31.66 -3.29 14.72
CA ALA A 462 -31.30 -1.96 14.20
C ALA A 462 -30.88 -2.07 12.74
N GLY A 463 -31.68 -2.79 11.96
CA GLY A 463 -31.27 -3.14 10.60
C GLY A 463 -31.07 -1.94 9.71
N LEU A 464 -32.02 -1.00 9.73
CA LEU A 464 -31.90 0.18 8.89
C LEU A 464 -30.84 1.15 9.40
N ASN A 465 -30.29 0.92 10.59
CA ASN A 465 -29.21 1.71 11.15
C ASN A 465 -27.92 0.94 11.32
N SER A 466 -27.91 -0.35 10.97
CA SER A 466 -26.69 -1.13 11.04
C SER A 466 -25.65 -0.54 10.10
N TRP A 467 -24.38 -0.59 10.51
CA TRP A 467 -23.34 0.12 9.76
C TRP A 467 -23.23 -0.42 8.34
N LEU A 468 -23.07 -1.73 8.20
CA LEU A 468 -23.20 -2.40 6.92
C LEU A 468 -22.22 -1.80 5.88
N GLY A 469 -20.95 -2.05 6.12
CA GLY A 469 -19.90 -1.59 5.23
C GLY A 469 -18.56 -2.04 5.75
N GLU A 470 -17.50 -1.43 5.20
CA GLU A 470 -16.17 -1.67 5.72
C GLU A 470 -16.10 -1.23 7.18
N GLY A 471 -15.47 -2.04 8.02
CA GLY A 471 -15.53 -1.81 9.44
C GLY A 471 -16.93 -2.00 9.99
N GLY A 472 -17.66 -2.97 9.45
CA GLY A 472 -19.02 -3.25 9.85
C GLY A 472 -19.49 -4.53 9.20
N ARG A 473 -20.80 -4.73 9.22
CA ARG A 473 -21.39 -5.91 8.61
C ARG A 473 -21.17 -5.91 7.10
N GLN A 474 -20.68 -7.01 6.57
CA GLN A 474 -20.40 -7.15 5.15
C GLN A 474 -21.47 -8.02 4.50
N LEU A 475 -22.09 -7.49 3.45
CA LEU A 475 -23.15 -8.22 2.77
C LEU A 475 -22.57 -9.29 1.86
N SER A 476 -23.32 -10.38 1.72
CA SER A 476 -22.92 -11.46 0.84
C SER A 476 -23.06 -11.04 -0.63
N GLY A 477 -22.51 -11.86 -1.51
CA GLY A 477 -22.57 -11.56 -2.93
C GLY A 477 -23.99 -11.52 -3.45
N GLY A 478 -24.82 -12.48 -3.03
CA GLY A 478 -26.21 -12.48 -3.46
C GLY A 478 -27.00 -11.32 -2.89
N GLU A 479 -26.76 -11.00 -1.61
CA GLU A 479 -27.45 -9.87 -1.00
C GLU A 479 -26.99 -8.55 -1.56
N LEU A 480 -25.71 -8.45 -1.91
CA LEU A 480 -25.17 -7.21 -2.49
C LEU A 480 -25.87 -6.87 -3.80
N ARG A 481 -26.14 -7.89 -4.63
CA ARG A 481 -26.81 -7.65 -5.90
C ARG A 481 -28.24 -7.15 -5.68
N ARG A 482 -28.94 -7.71 -4.69
CA ARG A 482 -30.27 -7.21 -4.37
C ARG A 482 -30.22 -5.77 -3.89
N LEU A 483 -29.12 -5.37 -3.26
CA LEU A 483 -28.97 -3.98 -2.84
C LEU A 483 -28.84 -3.06 -4.05
N ALA A 484 -28.13 -3.50 -5.09
CA ALA A 484 -27.99 -2.68 -6.29
C ALA A 484 -29.33 -2.44 -6.95
N ILE A 485 -30.17 -3.47 -7.01
CA ILE A 485 -31.50 -3.31 -7.58
C ILE A 485 -32.36 -2.40 -6.71
N ALA A 486 -32.18 -2.48 -5.39
CA ALA A 486 -32.93 -1.61 -4.50
C ALA A 486 -32.61 -0.14 -4.72
N ARG A 487 -31.39 0.16 -5.17
CA ARG A 487 -31.06 1.54 -5.54
C ARG A 487 -31.66 1.91 -6.89
N ALA A 488 -31.67 0.97 -7.83
CA ALA A 488 -32.26 1.25 -9.14
C ALA A 488 -33.77 1.44 -9.05
N LEU A 489 -34.43 0.72 -8.14
CA LEU A 489 -35.86 0.90 -7.95
C LEU A 489 -36.15 2.24 -7.28
N LEU A 490 -35.40 2.58 -6.22
CA LEU A 490 -35.60 3.86 -5.56
C LEU A 490 -35.29 5.03 -6.49
N HIS A 491 -34.20 4.93 -7.24
CA HIS A 491 -33.82 5.95 -8.22
C HIS A 491 -34.60 5.70 -9.51
N ASP A 492 -35.88 6.06 -9.48
CA ASP A 492 -36.75 5.83 -10.62
C ASP A 492 -36.29 6.61 -11.84
N ALA A 493 -35.90 5.90 -12.89
CA ALA A 493 -35.47 6.51 -14.13
C ALA A 493 -36.10 5.75 -15.29
N PRO A 494 -36.39 6.42 -16.40
CA PRO A 494 -37.06 5.76 -17.52
C PRO A 494 -36.31 4.56 -18.09
N LEU A 495 -34.98 4.64 -18.15
CA LEU A 495 -34.18 3.57 -18.73
C LEU A 495 -33.30 2.97 -17.65
N VAL A 496 -33.28 1.65 -17.56
CA VAL A 496 -32.54 0.94 -16.54
C VAL A 496 -31.50 0.07 -17.24
N LEU A 497 -30.23 0.32 -16.95
CA LEU A 497 -29.12 -0.45 -17.52
C LEU A 497 -28.65 -1.47 -16.47
N LEU A 498 -28.52 -2.71 -16.88
CA LEU A 498 -28.08 -3.77 -15.98
C LEU A 498 -26.80 -4.38 -16.53
N ASP A 499 -25.85 -4.65 -15.65
CA ASP A 499 -24.54 -5.19 -16.02
C ASP A 499 -24.33 -6.49 -15.25
N GLU A 500 -24.52 -7.63 -15.94
CA GLU A 500 -24.50 -8.94 -15.32
C GLU A 500 -25.25 -8.97 -13.99
N PRO A 501 -26.56 -8.70 -14.00
CA PRO A 501 -27.30 -8.63 -12.73
C PRO A 501 -27.41 -9.98 -12.03
N THR A 502 -27.21 -11.08 -12.73
CA THR A 502 -27.33 -12.41 -12.14
C THR A 502 -26.01 -13.18 -12.17
N GLU A 503 -24.88 -12.49 -12.12
CA GLU A 503 -23.58 -13.14 -12.21
C GLU A 503 -23.21 -13.79 -10.88
N GLY A 504 -22.71 -15.02 -10.96
CA GLY A 504 -22.24 -15.72 -9.77
C GLY A 504 -23.33 -15.99 -8.76
N LEU A 505 -24.51 -16.39 -9.21
CA LEU A 505 -25.65 -16.65 -8.34
C LEU A 505 -26.25 -18.00 -8.67
N ASP A 506 -26.73 -18.70 -7.64
CA ASP A 506 -27.43 -19.96 -7.85
C ASP A 506 -28.80 -19.70 -8.46
N ALA A 507 -29.34 -20.72 -9.12
CA ALA A 507 -30.59 -20.56 -9.86
C ALA A 507 -31.75 -20.16 -8.96
N THR A 508 -31.67 -20.48 -7.66
CA THR A 508 -32.73 -20.07 -6.74
C THR A 508 -32.80 -18.55 -6.62
N THR A 509 -31.67 -17.90 -6.36
CA THR A 509 -31.65 -16.45 -6.26
C THR A 509 -31.56 -15.79 -7.62
N GLU A 510 -31.03 -16.50 -8.62
CA GLU A 510 -31.06 -15.97 -9.98
C GLU A 510 -32.49 -15.82 -10.49
N SER A 511 -33.34 -16.80 -10.20
CA SER A 511 -34.74 -16.70 -10.59
C SER A 511 -35.45 -15.59 -9.83
N GLN A 512 -35.15 -15.45 -8.53
CA GLN A 512 -35.80 -14.41 -7.73
C GLN A 512 -35.45 -13.02 -8.24
N ILE A 513 -34.19 -12.80 -8.63
CA ILE A 513 -33.81 -11.52 -9.18
C ILE A 513 -34.41 -11.30 -10.56
N LEU A 514 -34.37 -12.33 -11.41
CA LEU A 514 -34.92 -12.21 -12.75
C LEU A 514 -36.41 -11.93 -12.72
N GLU A 515 -37.15 -12.61 -11.84
CA GLU A 515 -38.58 -12.33 -11.73
C GLU A 515 -38.83 -10.98 -11.07
N LEU A 516 -37.89 -10.50 -10.26
CA LEU A 516 -38.03 -9.18 -9.65
C LEU A 516 -37.81 -8.08 -10.70
N LEU A 517 -36.93 -8.32 -11.65
CA LEU A 517 -36.62 -7.31 -12.66
C LEU A 517 -37.73 -7.19 -13.69
N ALA A 518 -38.44 -8.29 -13.95
CA ALA A 518 -39.47 -8.26 -14.99
C ALA A 518 -40.76 -7.62 -14.47
N GLU A 519 -41.03 -7.72 -13.17
CA GLU A 519 -42.28 -7.21 -12.64
C GLU A 519 -42.15 -5.77 -12.13
N MET A 520 -41.04 -5.44 -11.46
CA MET A 520 -40.84 -4.07 -11.00
C MET A 520 -40.54 -3.13 -12.16
N MET A 521 -39.73 -3.57 -13.11
CA MET A 521 -39.31 -2.73 -14.22
C MET A 521 -40.16 -2.93 -15.46
N ARG A 522 -41.43 -3.28 -15.27
CA ARG A 522 -42.32 -3.58 -16.40
C ARG A 522 -42.56 -2.35 -17.26
N GLU A 523 -42.73 -1.19 -16.63
CA GLU A 523 -43.07 0.04 -17.34
C GLU A 523 -41.84 0.88 -17.67
N LYS A 524 -40.64 0.38 -17.39
CA LYS A 524 -39.40 1.11 -17.60
C LYS A 524 -38.53 0.36 -18.59
N THR A 525 -37.92 1.09 -19.51
CA THR A 525 -37.07 0.49 -20.52
C THR A 525 -35.85 -0.15 -19.87
N VAL A 526 -35.54 -1.37 -20.27
CA VAL A 526 -34.47 -2.15 -19.65
C VAL A 526 -33.51 -2.61 -20.74
N LEU A 527 -32.22 -2.39 -20.52
CA LEU A 527 -31.17 -2.88 -21.41
C LEU A 527 -30.23 -3.70 -20.52
N MET A 528 -30.54 -4.98 -20.37
CA MET A 528 -29.83 -5.85 -19.45
C MET A 528 -28.68 -6.54 -20.18
N VAL A 529 -27.48 -6.44 -19.63
CA VAL A 529 -26.29 -7.03 -20.19
C VAL A 529 -26.00 -8.33 -19.43
N THR A 530 -26.03 -9.45 -20.13
CA THR A 530 -26.09 -10.76 -19.48
C THR A 530 -24.96 -11.64 -20.01
N HIS A 531 -24.37 -12.47 -19.13
CA HIS A 531 -23.40 -13.53 -19.48
C HIS A 531 -24.08 -14.91 -19.35
N ARG A 532 -25.33 -14.98 -18.88
CA ARG A 532 -26.06 -16.22 -18.70
C ARG A 532 -27.21 -16.31 -19.70
N LEU A 533 -27.88 -17.45 -19.71
CA LEU A 533 -28.95 -17.70 -20.67
C LEU A 533 -30.32 -17.91 -20.03
N ARG A 534 -30.38 -17.79 -18.69
CA ARG A 534 -31.62 -18.09 -17.93
C ARG A 534 -32.61 -16.93 -17.91
N GLY A 535 -33.87 -17.19 -18.26
CA GLY A 535 -34.92 -16.19 -18.19
C GLY A 535 -34.85 -15.10 -19.24
N LEU A 536 -34.47 -15.45 -20.47
CA LEU A 536 -34.38 -14.49 -21.56
C LEU A 536 -35.61 -14.53 -22.46
N SER A 537 -36.65 -15.27 -22.08
CA SER A 537 -37.86 -15.32 -22.87
C SER A 537 -38.71 -14.07 -22.69
N ARG A 538 -38.62 -13.42 -21.54
CA ARG A 538 -39.43 -12.23 -21.25
C ARG A 538 -38.87 -10.96 -21.89
N PHE A 539 -37.80 -11.07 -22.68
CA PHE A 539 -37.18 -9.91 -23.30
C PHE A 539 -37.65 -9.77 -24.75
N GLN A 540 -38.06 -8.56 -25.12
CA GLN A 540 -38.64 -8.34 -26.44
C GLN A 540 -37.64 -8.62 -27.55
N GLN A 541 -36.35 -8.46 -27.26
CA GLN A 541 -35.31 -8.72 -28.25
C GLN A 541 -34.03 -9.10 -27.52
N ILE A 542 -33.31 -10.06 -28.10
CA ILE A 542 -32.03 -10.52 -27.56
C ILE A 542 -30.95 -10.18 -28.58
N ILE A 543 -29.91 -9.50 -28.14
CA ILE A 543 -28.84 -9.01 -29.00
C ILE A 543 -27.55 -9.69 -28.57
N VAL A 544 -26.99 -10.53 -29.43
CA VAL A 544 -25.81 -11.31 -29.09
C VAL A 544 -24.58 -10.54 -29.58
N MET A 545 -23.66 -10.28 -28.66
CA MET A 545 -22.43 -9.57 -28.96
C MET A 545 -21.27 -10.54 -29.14
N ASP A 546 -20.30 -10.13 -29.96
CA ASP A 546 -19.11 -10.95 -30.17
C ASP A 546 -18.00 -10.03 -30.65
N ASN A 547 -17.01 -9.78 -29.78
CA ASN A 547 -15.82 -9.00 -30.12
C ASN A 547 -16.21 -7.59 -30.59
N GLY A 548 -17.05 -6.93 -29.81
CA GLY A 548 -17.45 -5.57 -30.13
C GLY A 548 -18.41 -5.44 -31.29
N GLN A 549 -19.10 -6.51 -31.67
CA GLN A 549 -19.99 -6.48 -32.81
C GLN A 549 -21.34 -7.08 -32.43
N ILE A 550 -22.37 -6.65 -33.15
CA ILE A 550 -23.69 -7.28 -33.07
C ILE A 550 -23.72 -8.33 -34.17
N ILE A 551 -23.49 -9.58 -33.80
CA ILE A 551 -23.51 -10.65 -34.81
C ILE A 551 -24.93 -11.12 -35.06
N GLU A 552 -25.77 -11.17 -34.02
CA GLU A 552 -27.13 -11.62 -34.15
C GLU A 552 -28.06 -10.67 -33.40
N GLN A 553 -29.31 -10.64 -33.84
CA GLN A 553 -30.31 -9.75 -33.26
C GLN A 553 -31.69 -10.29 -33.56
N GLY A 554 -32.59 -10.22 -32.59
CA GLY A 554 -33.95 -10.68 -32.79
C GLY A 554 -34.52 -11.26 -31.53
N THR A 555 -35.80 -11.61 -31.61
CA THR A 555 -36.52 -12.18 -30.47
C THR A 555 -35.98 -13.57 -30.17
N HIS A 556 -36.25 -14.04 -28.95
CA HIS A 556 -35.69 -15.31 -28.49
C HIS A 556 -36.09 -16.47 -29.39
N ALA A 557 -37.39 -16.55 -29.71
CA ALA A 557 -37.86 -17.62 -30.59
C ALA A 557 -37.26 -17.50 -31.99
N GLU A 558 -37.17 -16.26 -32.50
CA GLU A 558 -36.61 -16.05 -33.83
C GLU A 558 -35.14 -16.48 -33.89
N LEU A 559 -34.38 -16.19 -32.84
CA LEU A 559 -32.97 -16.56 -32.83
C LEU A 559 -32.79 -18.07 -32.88
N LEU A 560 -33.65 -18.82 -32.18
CA LEU A 560 -33.56 -20.28 -32.23
C LEU A 560 -33.95 -20.82 -33.60
N ALA A 561 -34.86 -20.13 -34.30
CA ALA A 561 -35.31 -20.64 -35.60
C ALA A 561 -34.17 -20.68 -36.61
N ARG A 562 -33.34 -19.63 -36.64
CA ARG A 562 -32.22 -19.57 -37.57
C ARG A 562 -30.96 -20.05 -36.89
N GLN A 563 -30.25 -20.98 -37.53
CA GLN A 563 -29.04 -21.54 -36.95
C GLN A 563 -27.97 -20.46 -36.86
N GLY A 564 -27.37 -20.33 -35.68
CA GLY A 564 -26.38 -19.30 -35.47
C GLY A 564 -25.69 -19.43 -34.14
N ARG A 565 -25.05 -18.33 -33.73
CA ARG A 565 -24.25 -18.32 -32.51
C ARG A 565 -25.11 -18.54 -31.27
N TYR A 566 -26.31 -17.95 -31.24
CA TYR A 566 -27.19 -18.15 -30.09
C TYR A 566 -27.59 -19.61 -29.95
N TYR A 567 -27.85 -20.27 -31.07
CA TYR A 567 -28.09 -21.71 -31.04
C TYR A 567 -26.88 -22.45 -30.48
N GLN A 568 -25.68 -22.04 -30.88
CA GLN A 568 -24.46 -22.65 -30.36
C GLN A 568 -24.26 -22.40 -28.86
N PHE A 569 -24.92 -21.38 -28.30
CA PHE A 569 -24.78 -21.10 -26.88
C PHE A 569 -25.41 -22.21 -26.04
N LYS A 570 -26.64 -22.61 -26.37
CA LYS A 570 -27.29 -23.68 -25.62
C LYS A 570 -26.71 -25.04 -26.00
N GLN A 571 -26.74 -25.38 -27.28
CA GLN A 571 -26.16 -26.63 -27.77
C GLN A 571 -24.76 -26.34 -28.28
N GLY A 572 -23.75 -26.81 -27.57
CA GLY A 572 -22.36 -26.54 -27.91
C GLY A 572 -21.96 -27.01 -29.29
N ASN B 2 -5.60 -9.60 23.81
CA ASN B 2 -4.64 -8.71 23.16
C ASN B 2 -3.23 -8.96 23.66
N LYS B 3 -3.08 -9.05 24.99
CA LYS B 3 -1.76 -9.26 25.57
C LYS B 3 -1.24 -10.66 25.29
N SER B 4 -2.13 -11.61 25.00
CA SER B 4 -1.69 -12.97 24.73
C SER B 4 -0.96 -13.07 23.40
N ARG B 5 -1.54 -12.48 22.35
CA ARG B 5 -0.91 -12.56 21.03
C ARG B 5 0.33 -11.68 20.94
N GLN B 6 0.24 -10.45 21.47
CA GLN B 6 1.36 -9.51 21.34
C GLN B 6 2.63 -10.04 21.98
N LYS B 7 2.49 -10.83 23.05
CA LYS B 7 3.67 -11.48 23.62
C LYS B 7 4.22 -12.55 22.68
N GLU B 8 3.34 -13.25 21.96
CA GLU B 8 3.81 -14.28 21.04
C GLU B 8 4.43 -13.69 19.78
N LEU B 9 3.95 -12.52 19.35
CA LEU B 9 4.51 -11.87 18.16
C LEU B 9 5.92 -11.35 18.41
N THR B 10 6.14 -10.76 19.59
CA THR B 10 7.45 -10.20 19.89
C THR B 10 8.53 -11.28 19.94
N ARG B 11 8.18 -12.48 20.41
CA ARG B 11 9.14 -13.58 20.35
C ARG B 11 9.43 -13.99 18.92
N TRP B 12 8.48 -13.77 18.00
CA TRP B 12 8.75 -14.03 16.59
C TRP B 12 9.75 -13.01 16.02
N LEU B 13 9.57 -11.74 16.38
CA LEU B 13 10.52 -10.73 15.92
C LEU B 13 11.91 -10.98 16.47
N LYS B 14 12.00 -11.37 17.74
CA LYS B 14 13.29 -11.71 18.33
C LYS B 14 13.91 -12.94 17.66
N GLN B 15 13.07 -13.85 17.19
CA GLN B 15 13.58 -15.03 16.49
C GLN B 15 14.23 -14.66 15.18
N GLN B 16 13.65 -13.69 14.45
CA GLN B 16 14.21 -13.26 13.18
C GLN B 16 15.47 -12.42 13.35
N SER B 17 15.61 -11.75 14.49
CA SER B 17 16.79 -10.90 14.71
C SER B 17 18.07 -11.71 14.85
N VAL B 18 17.99 -13.03 14.99
CA VAL B 18 19.20 -13.85 14.96
C VAL B 18 19.90 -13.72 13.61
N ILE B 19 19.12 -13.65 12.54
CA ILE B 19 19.66 -13.18 11.28
C ILE B 19 20.16 -11.77 11.48
N SER B 20 21.42 -11.52 11.14
CA SER B 20 22.07 -10.24 11.42
C SER B 20 22.05 -9.97 12.93
N GLN B 21 22.59 -10.90 13.70
CA GLN B 21 22.89 -10.67 15.11
C GLN B 21 24.27 -10.10 15.31
N ARG B 22 25.18 -10.29 14.34
CA ARG B 22 26.48 -9.66 14.42
C ARG B 22 26.36 -8.15 14.35
N TRP B 23 25.45 -7.64 13.52
CA TRP B 23 25.29 -6.21 13.35
C TRP B 23 24.36 -5.59 14.39
N LEU B 24 23.48 -6.39 14.99
CA LEU B 24 22.73 -5.90 16.13
C LEU B 24 23.58 -5.84 17.39
N ASN B 25 24.79 -6.39 17.35
CA ASN B 25 25.73 -6.27 18.46
C ASN B 25 26.69 -5.10 18.25
N ILE B 26 27.13 -4.88 17.01
CA ILE B 26 27.95 -3.71 16.73
C ILE B 26 27.15 -2.43 16.94
N SER B 27 25.85 -2.47 16.61
CA SER B 27 24.98 -1.34 16.92
C SER B 27 24.88 -1.13 18.42
N ARG B 28 24.86 -2.22 19.19
CA ARG B 28 24.84 -2.11 20.64
C ARG B 28 26.21 -1.73 21.18
N LEU B 29 27.29 -2.17 20.53
CA LEU B 29 28.62 -1.81 20.99
C LEU B 29 28.96 -0.38 20.62
N LEU B 30 28.59 0.07 19.43
CA LEU B 30 28.83 1.45 19.05
C LEU B 30 27.94 2.40 19.84
N GLY B 31 26.79 1.93 20.29
CA GLY B 31 25.96 2.74 21.16
C GLY B 31 26.60 2.99 22.51
N PHE B 32 27.38 2.03 23.00
CA PHE B 32 28.15 2.24 24.23
C PHE B 32 29.31 3.20 23.97
N VAL B 33 30.04 2.99 22.86
CA VAL B 33 31.13 3.90 22.49
C VAL B 33 30.59 5.28 22.19
N SER B 34 29.39 5.37 21.61
CA SER B 34 28.77 6.66 21.36
C SER B 34 28.50 7.39 22.68
N GLY B 35 28.10 6.66 23.71
CA GLY B 35 27.89 7.26 25.02
C GLY B 35 29.16 7.56 25.78
N ILE B 36 30.29 7.02 25.32
CA ILE B 36 31.58 7.38 25.91
C ILE B 36 32.11 8.67 25.32
N LEU B 37 31.97 8.84 24.01
CA LEU B 37 32.43 10.06 23.37
C LEU B 37 31.56 11.24 23.74
N ILE B 38 30.28 11.00 24.04
CA ILE B 38 29.42 12.05 24.58
C ILE B 38 29.96 12.52 25.93
N ILE B 39 30.48 11.60 26.74
CA ILE B 39 31.02 11.95 28.04
C ILE B 39 32.40 12.58 27.91
N ALA B 40 33.21 12.07 26.98
CA ALA B 40 34.54 12.61 26.80
C ALA B 40 34.49 14.06 26.35
N GLN B 41 33.64 14.38 25.37
CA GLN B 41 33.56 15.76 24.90
C GLN B 41 32.93 16.66 25.96
N ALA B 42 31.97 16.15 26.74
CA ALA B 42 31.41 16.94 27.82
C ALA B 42 32.45 17.21 28.89
N TRP B 43 33.37 16.26 29.10
CA TRP B 43 34.46 16.48 30.05
C TRP B 43 35.51 17.43 29.48
N PHE B 44 35.85 17.27 28.19
CA PHE B 44 36.83 18.16 27.59
C PHE B 44 36.34 19.60 27.54
N MET B 45 35.07 19.80 27.17
CA MET B 45 34.52 21.15 27.16
C MET B 45 34.48 21.74 28.57
N ALA B 46 34.11 20.93 29.56
CA ALA B 46 34.03 21.44 30.93
C ALA B 46 35.40 21.83 31.45
N ARG B 47 36.44 21.06 31.10
CA ARG B 47 37.78 21.40 31.56
C ARG B 47 38.39 22.55 30.78
N ILE B 48 38.08 22.68 29.49
CA ILE B 48 38.49 23.87 28.74
C ILE B 48 37.81 25.09 29.31
N LEU B 49 36.50 25.01 29.52
CA LEU B 49 35.75 26.18 29.91
C LEU B 49 36.11 26.64 31.32
N GLN B 50 36.43 25.71 32.21
CA GLN B 50 36.84 26.11 33.56
C GLN B 50 38.16 26.87 33.52
N HIS B 51 39.11 26.42 32.71
CA HIS B 51 40.41 27.08 32.67
C HIS B 51 40.29 28.50 32.14
N MET B 52 39.45 28.70 31.11
CA MET B 52 39.34 30.03 30.51
C MET B 52 38.34 30.93 31.22
N ILE B 53 37.53 30.41 32.12
CA ILE B 53 36.55 31.21 32.85
C ILE B 53 37.03 31.53 34.27
N MET B 54 37.62 30.55 34.95
CA MET B 54 37.98 30.75 36.35
C MET B 54 39.41 31.28 36.52
N GLU B 55 40.39 30.54 36.01
CA GLU B 55 41.79 30.94 36.13
C GLU B 55 42.30 31.69 34.90
N ASN B 56 41.43 31.98 33.94
CA ASN B 56 41.73 32.87 32.82
C ASN B 56 42.96 32.40 32.03
N ILE B 57 43.08 31.11 31.83
CA ILE B 57 44.16 30.59 30.99
C ILE B 57 43.86 30.88 29.53
N PRO B 58 44.79 31.43 28.77
CA PRO B 58 44.49 31.81 27.38
C PRO B 58 44.25 30.59 26.50
N ARG B 59 43.53 30.83 25.41
CA ARG B 59 43.19 29.75 24.49
C ARG B 59 44.43 29.12 23.86
N GLU B 60 45.54 29.87 23.77
CA GLU B 60 46.74 29.37 23.14
C GLU B 60 47.54 28.43 24.04
N ALA B 61 47.15 28.31 25.31
CA ALA B 61 47.76 27.34 26.20
C ALA B 61 46.94 26.07 26.34
N LEU B 62 45.72 26.05 25.79
CA LEU B 62 44.83 24.89 25.85
C LEU B 62 44.76 24.16 24.52
N LEU B 63 45.89 24.10 23.80
CA LEU B 63 45.90 23.47 22.49
C LEU B 63 45.66 21.97 22.60
N LEU B 64 46.17 21.34 23.65
CA LEU B 64 45.93 19.90 23.81
C LEU B 64 44.46 19.58 24.03
N PRO B 65 43.73 20.22 24.96
CA PRO B 65 42.30 19.90 25.07
C PRO B 65 41.50 20.23 23.81
N PHE B 66 41.81 21.33 23.11
CA PHE B 66 41.19 21.57 21.80
C PHE B 66 41.46 20.42 20.84
N THR B 67 42.71 19.97 20.76
CA THR B 67 43.03 18.90 19.83
C THR B 67 42.26 17.63 20.18
N LEU B 68 42.16 17.32 21.47
CA LEU B 68 41.39 16.15 21.89
C LEU B 68 39.89 16.39 21.79
N LEU B 69 39.44 17.64 21.92
CA LEU B 69 38.02 17.93 21.77
C LEU B 69 37.57 17.81 20.32
N VAL B 70 38.41 18.27 19.39
CA VAL B 70 38.10 18.11 17.97
C VAL B 70 38.05 16.64 17.60
N LEU B 71 39.02 15.86 18.08
CA LEU B 71 39.06 14.43 17.79
C LEU B 71 37.84 13.71 18.34
N THR B 72 37.38 14.09 19.53
CA THR B 72 36.17 13.48 20.08
C THR B 72 34.96 13.81 19.23
N PHE B 73 34.87 15.05 18.74
CA PHE B 73 33.76 15.44 17.87
C PHE B 73 33.83 14.70 16.55
N VAL B 74 35.03 14.54 15.99
CA VAL B 74 35.19 13.79 14.75
C VAL B 74 34.83 12.33 14.95
N LEU B 75 35.26 11.74 16.06
CA LEU B 75 34.93 10.36 16.36
C LEU B 75 33.43 10.20 16.57
N ARG B 76 32.80 11.16 17.25
CA ARG B 76 31.35 11.12 17.45
C ARG B 76 30.61 11.09 16.11
N ALA B 77 31.05 11.92 15.16
CA ALA B 77 30.40 11.94 13.85
C ALA B 77 30.62 10.64 13.11
N TRP B 78 31.81 10.06 13.24
CA TRP B 78 32.08 8.78 12.60
C TRP B 78 31.19 7.70 13.15
N VAL B 79 31.01 7.66 14.48
CA VAL B 79 30.19 6.63 15.10
C VAL B 79 28.72 6.77 14.69
N VAL B 80 28.22 8.00 14.64
CA VAL B 80 26.84 8.23 14.18
C VAL B 80 26.69 7.81 12.73
N TRP B 81 27.67 8.15 11.89
CA TRP B 81 27.66 7.66 10.52
C TRP B 81 27.81 6.14 10.46
N LEU B 82 28.70 5.59 11.28
CA LEU B 82 28.90 4.15 11.32
C LEU B 82 27.67 3.44 11.85
N ARG B 83 27.04 3.99 12.89
CA ARG B 83 25.94 3.31 13.56
C ARG B 83 24.70 3.25 12.69
N GLU B 84 24.47 4.26 11.85
CA GLU B 84 23.35 4.25 10.93
C GLU B 84 23.52 3.17 9.86
N ARG B 85 24.75 2.97 9.38
CA ARG B 85 24.97 2.02 8.30
C ARG B 85 24.88 0.59 8.80
N VAL B 86 25.40 0.32 10.00
CA VAL B 86 25.27 -1.01 10.59
C VAL B 86 23.81 -1.28 10.94
N GLY B 87 23.07 -0.26 11.36
CA GLY B 87 21.66 -0.43 11.64
C GLY B 87 20.84 -0.76 10.41
N TYR B 88 21.14 -0.12 9.29
CA TYR B 88 20.48 -0.49 8.05
C TYR B 88 20.90 -1.89 7.61
N HIS B 89 22.19 -2.21 7.73
CA HIS B 89 22.67 -3.52 7.33
C HIS B 89 22.00 -4.62 8.13
N ALA B 90 21.81 -4.40 9.43
CA ALA B 90 21.06 -5.33 10.25
C ALA B 90 19.62 -5.44 9.78
N GLY B 91 19.02 -4.31 9.43
CA GLY B 91 17.63 -4.32 9.00
C GLY B 91 17.41 -5.07 7.70
N GLN B 92 18.33 -4.92 6.73
CA GLN B 92 18.04 -5.48 5.41
C GLN B 92 18.36 -6.96 5.31
N HIS B 93 19.28 -7.49 6.13
CA HIS B 93 19.48 -8.94 6.15
C HIS B 93 18.24 -9.65 6.63
N ILE B 94 17.58 -9.12 7.65
CA ILE B 94 16.33 -9.72 8.11
C ILE B 94 15.26 -9.63 7.04
N ARG B 95 15.14 -8.48 6.38
CA ARG B 95 14.17 -8.34 5.31
C ARG B 95 14.54 -9.21 4.11
N PHE B 96 15.82 -9.27 3.77
CA PHE B 96 16.26 -10.08 2.63
C PHE B 96 16.04 -11.56 2.89
N ALA B 97 16.10 -11.98 4.15
CA ALA B 97 15.95 -13.40 4.50
C ALA B 97 14.50 -13.78 4.76
N ILE B 98 13.71 -12.88 5.34
CA ILE B 98 12.28 -13.13 5.47
C ILE B 98 11.64 -13.19 4.09
N ARG B 99 12.03 -12.28 3.20
CA ARG B 99 11.48 -12.28 1.85
C ARG B 99 11.85 -13.56 1.10
N ARG B 100 12.99 -14.15 1.40
CA ARG B 100 13.34 -15.43 0.79
C ARG B 100 12.54 -16.57 1.39
N GLN B 101 12.23 -16.48 2.69
CA GLN B 101 11.39 -17.51 3.31
C GLN B 101 9.95 -17.40 2.83
N VAL B 102 9.47 -16.18 2.59
CA VAL B 102 8.12 -15.99 2.07
C VAL B 102 8.04 -16.44 0.63
N LEU B 103 9.05 -16.13 -0.18
CA LEU B 103 9.02 -16.53 -1.58
C LEU B 103 9.31 -18.02 -1.74
N ASP B 104 10.14 -18.60 -0.87
CA ASP B 104 10.36 -20.04 -0.91
C ASP B 104 9.10 -20.79 -0.50
N ARG B 105 8.39 -20.25 0.48
CA ARG B 105 7.14 -20.88 0.96
C ARG B 105 6.07 -20.80 -0.14
N LEU B 106 6.00 -19.66 -0.82
CA LEU B 106 5.00 -19.47 -1.88
C LEU B 106 5.32 -20.29 -3.11
N GLN B 107 6.61 -20.49 -3.42
CA GLN B 107 6.97 -21.30 -4.58
C GLN B 107 6.72 -22.77 -4.32
N GLN B 108 7.06 -23.26 -3.11
CA GLN B 108 6.87 -24.66 -2.80
C GLN B 108 5.40 -25.00 -2.60
N ALA B 109 4.63 -24.07 -2.03
CA ALA B 109 3.19 -24.28 -1.92
C ALA B 109 2.55 -24.42 -3.29
N GLY B 110 2.97 -23.59 -4.24
CA GLY B 110 2.57 -23.73 -5.62
C GLY B 110 1.35 -22.91 -5.96
N PRO B 111 0.93 -22.99 -7.24
CA PRO B 111 -0.26 -22.24 -7.67
C PRO B 111 -1.54 -22.67 -6.99
N ALA B 112 -1.56 -23.84 -6.35
CA ALA B 112 -2.77 -24.28 -5.67
C ALA B 112 -3.10 -23.38 -4.49
N TRP B 113 -2.08 -22.90 -3.78
CA TRP B 113 -2.30 -22.01 -2.64
C TRP B 113 -2.23 -20.55 -3.02
N ILE B 114 -1.37 -20.19 -3.98
CA ILE B 114 -1.23 -18.79 -4.38
C ILE B 114 -2.56 -18.25 -4.88
N GLN B 115 -3.34 -19.09 -5.56
CA GLN B 115 -4.62 -18.65 -6.11
C GLN B 115 -5.66 -18.38 -5.04
N GLY B 116 -5.38 -18.73 -3.78
CA GLY B 116 -6.32 -18.45 -2.71
C GLY B 116 -6.55 -16.97 -2.48
N LYS B 117 -5.53 -16.15 -2.68
CA LYS B 117 -5.62 -14.72 -2.44
C LYS B 117 -5.19 -13.96 -3.68
N PRO B 118 -5.70 -12.74 -3.86
CA PRO B 118 -5.32 -11.95 -5.04
C PRO B 118 -3.84 -11.62 -5.03
N ALA B 119 -3.28 -11.46 -6.23
CA ALA B 119 -1.85 -11.18 -6.36
C ALA B 119 -1.45 -9.89 -5.67
N GLY B 120 -2.39 -8.98 -5.45
CA GLY B 120 -2.10 -7.80 -4.65
C GLY B 120 -2.17 -8.03 -3.16
N SER B 121 -2.83 -9.10 -2.73
CA SER B 121 -2.81 -9.47 -1.32
C SER B 121 -1.51 -10.13 -0.93
N TRP B 122 -0.89 -10.88 -1.85
CA TRP B 122 0.45 -11.41 -1.61
C TRP B 122 1.50 -10.33 -1.76
N ALA B 123 1.35 -9.44 -2.74
CA ALA B 123 2.34 -8.39 -2.95
C ALA B 123 2.38 -7.40 -1.80
N THR B 124 1.31 -7.31 -1.01
CA THR B 124 1.38 -6.52 0.22
C THR B 124 2.15 -7.24 1.30
N LEU B 125 2.06 -8.57 1.34
CA LEU B 125 2.83 -9.35 2.30
C LEU B 125 4.32 -9.24 2.03
N VAL B 126 4.71 -9.27 0.76
CA VAL B 126 6.13 -9.33 0.40
C VAL B 126 6.75 -7.94 0.30
N LEU B 127 6.00 -6.95 -0.15
CA LEU B 127 6.56 -5.60 -0.26
C LEU B 127 6.25 -4.75 0.96
N GLU B 128 4.98 -4.54 1.26
CA GLU B 128 4.60 -3.61 2.33
C GLU B 128 4.97 -4.16 3.70
N GLN B 129 4.64 -5.41 3.97
CA GLN B 129 4.70 -5.93 5.34
C GLN B 129 6.04 -6.53 5.69
N ILE B 130 6.92 -6.76 4.72
CA ILE B 130 8.29 -7.11 5.07
C ILE B 130 9.14 -5.85 5.20
N ASP B 131 8.83 -4.82 4.40
CA ASP B 131 9.52 -3.55 4.54
C ASP B 131 9.08 -2.78 5.77
N ASP B 132 7.96 -3.16 6.37
CA ASP B 132 7.52 -2.53 7.62
C ASP B 132 8.39 -2.94 8.80
N MET B 133 9.08 -4.06 8.70
CA MET B 133 9.92 -4.56 9.77
C MET B 133 11.32 -3.94 9.78
N HIS B 134 11.64 -3.08 8.82
CA HIS B 134 12.99 -2.53 8.77
C HIS B 134 13.25 -1.60 9.95
N ASP B 135 12.34 -0.67 10.22
CA ASP B 135 12.59 0.33 11.24
C ASP B 135 12.53 -0.22 12.65
N TYR B 136 12.09 -1.47 12.82
CA TYR B 136 12.21 -2.13 14.11
C TYR B 136 13.64 -2.58 14.37
N TYR B 137 14.28 -3.18 13.37
CA TYR B 137 15.65 -3.65 13.51
C TYR B 137 16.69 -2.59 13.21
N ALA B 138 16.33 -1.60 12.40
CA ALA B 138 17.28 -0.56 12.01
C ALA B 138 17.31 0.61 12.98
N ARG B 139 16.16 0.97 13.55
CA ARG B 139 16.07 2.13 14.43
C ARG B 139 15.66 1.77 15.84
N TYR B 140 14.56 1.05 16.03
CA TYR B 140 13.99 0.89 17.36
C TYR B 140 14.84 -0.05 18.23
N LEU B 141 15.25 -1.18 17.69
CA LEU B 141 16.10 -2.08 18.46
C LEU B 141 17.46 -1.46 18.81
N PRO B 142 18.19 -0.83 17.87
CA PRO B 142 19.42 -0.14 18.28
C PRO B 142 19.19 1.03 19.21
N GLN B 143 17.99 1.60 19.25
CA GLN B 143 17.69 2.71 20.13
C GLN B 143 17.25 2.25 21.52
N MET B 144 16.56 1.12 21.61
CA MET B 144 16.23 0.56 22.90
C MET B 144 17.47 0.11 23.65
N ALA B 145 18.60 -0.05 22.96
CA ALA B 145 19.88 -0.34 23.59
C ALA B 145 20.71 0.91 23.80
N LEU B 146 20.45 1.98 23.06
CA LEU B 146 21.03 3.28 23.34
C LEU B 146 20.31 4.01 24.47
N ALA B 147 19.06 3.65 24.73
CA ALA B 147 18.28 4.28 25.78
C ALA B 147 18.59 3.74 27.16
N VAL B 148 19.24 2.59 27.25
CA VAL B 148 19.58 2.00 28.53
C VAL B 148 21.08 2.07 28.81
N SER B 149 21.92 2.12 27.77
CA SER B 149 23.35 2.22 27.98
C SER B 149 23.79 3.67 28.17
N VAL B 150 23.42 4.55 27.24
CA VAL B 150 23.88 5.95 27.33
C VAL B 150 23.42 6.63 28.61
N PRO B 151 22.13 6.67 28.94
CA PRO B 151 21.73 7.40 30.16
C PRO B 151 22.36 6.87 31.43
N LEU B 152 22.73 5.59 31.47
CA LEU B 152 23.44 5.07 32.62
C LEU B 152 24.90 5.53 32.63
N LEU B 153 25.49 5.74 31.46
CA LEU B 153 26.86 6.27 31.41
C LEU B 153 26.94 7.68 31.96
N ILE B 154 25.95 8.53 31.67
CA ILE B 154 25.95 9.88 32.25
C ILE B 154 25.85 9.82 33.77
N VAL B 155 24.95 8.98 34.30
CA VAL B 155 24.83 8.87 35.75
C VAL B 155 26.11 8.33 36.37
N VAL B 156 26.70 7.31 35.73
CA VAL B 156 27.93 6.72 36.25
C VAL B 156 29.11 7.68 36.11
N ALA B 157 29.07 8.56 35.11
CA ALA B 157 30.15 9.52 34.94
C ALA B 157 29.99 10.78 35.79
N ILE B 158 28.78 11.04 36.28
CA ILE B 158 28.56 12.22 37.11
C ILE B 158 28.66 11.88 38.59
N PHE B 159 28.30 10.65 38.98
CA PHE B 159 28.37 10.26 40.38
C PHE B 159 29.74 10.48 41.02
N PRO B 160 30.87 10.20 40.37
CA PRO B 160 32.16 10.55 41.00
C PRO B 160 32.33 12.02 41.32
N SER B 161 31.79 12.92 40.49
CA SER B 161 32.01 14.35 40.70
C SER B 161 30.97 14.96 41.62
N ASN B 162 29.75 14.42 41.63
CA ASN B 162 28.67 14.96 42.44
C ASN B 162 27.54 13.94 42.50
N TRP B 163 27.06 13.61 43.69
CA TRP B 163 26.03 12.59 43.81
C TRP B 163 24.61 13.15 43.80
N ALA B 164 24.45 14.48 43.95
CA ALA B 164 23.13 15.06 43.79
C ALA B 164 22.84 15.38 42.33
N ALA B 165 23.85 15.86 41.60
CA ALA B 165 23.70 16.04 40.16
C ALA B 165 23.35 14.72 39.48
N ALA B 166 24.02 13.64 39.88
CA ALA B 166 23.66 12.32 39.39
C ALA B 166 22.32 11.85 39.92
N LEU B 167 21.80 12.49 40.97
CA LEU B 167 20.51 12.09 41.53
C LEU B 167 19.35 12.87 40.93
N ILE B 168 19.60 14.11 40.47
CA ILE B 168 18.59 14.83 39.72
C ILE B 168 18.22 14.05 38.46
N LEU B 169 19.22 13.57 37.74
CA LEU B 169 18.99 12.79 36.54
C LEU B 169 18.42 11.42 36.89
N LEU B 170 18.94 10.77 37.92
CA LEU B 170 18.46 9.46 38.32
C LEU B 170 17.11 9.52 39.03
N GLY B 171 16.75 10.66 39.61
CA GLY B 171 15.46 10.77 40.26
C GLY B 171 14.28 10.78 39.30
N THR B 172 14.51 11.15 38.05
CA THR B 172 13.47 11.10 37.02
C THR B 172 13.44 9.78 36.29
N ALA B 173 14.40 8.90 36.52
CA ALA B 173 14.33 7.55 35.95
C ALA B 173 13.12 6.76 36.43
N PRO B 174 12.74 6.77 37.71
CA PRO B 174 11.50 6.08 38.11
C PRO B 174 10.26 6.95 38.07
N LEU B 175 10.39 8.25 37.80
CA LEU B 175 9.23 9.13 37.75
C LEU B 175 8.56 9.14 36.38
N ILE B 176 9.35 9.12 35.31
CA ILE B 176 8.78 9.15 33.96
C ILE B 176 7.89 7.94 33.69
N PRO B 177 8.33 6.69 33.91
CA PRO B 177 7.43 5.56 33.67
C PRO B 177 6.18 5.57 34.55
N LEU B 178 6.27 6.07 35.78
CA LEU B 178 5.10 6.15 36.64
C LEU B 178 4.09 7.15 36.08
N PHE B 179 4.54 8.36 35.74
CA PHE B 179 3.62 9.37 35.26
C PHE B 179 3.12 9.06 33.86
N MET B 180 3.94 8.40 33.04
CA MET B 180 3.50 8.00 31.71
C MET B 180 2.42 6.95 31.77
N ALA B 181 2.28 6.26 32.91
CA ALA B 181 1.25 5.25 33.06
C ALA B 181 -0.04 5.81 33.66
N LEU B 182 0.05 6.86 34.48
CA LEU B 182 -1.15 7.51 34.98
C LEU B 182 -1.95 8.13 33.84
N VAL B 183 -1.26 8.77 32.88
CA VAL B 183 -1.95 9.29 31.70
C VAL B 183 -2.36 8.15 30.78
N GLY B 184 -1.70 6.99 30.89
CA GLY B 184 -2.14 5.84 30.11
C GLY B 184 -3.50 5.33 30.52
N MET B 185 -3.83 5.40 31.81
CA MET B 185 -5.16 5.03 32.26
C MET B 185 -6.22 5.97 31.70
N GLY B 186 -5.93 7.27 31.68
CA GLY B 186 -6.84 8.20 31.06
C GLY B 186 -6.90 8.05 29.54
N ALA B 187 -5.75 7.79 28.92
CA ALA B 187 -5.72 7.64 27.46
C ALA B 187 -6.54 6.44 27.02
N ALA B 188 -6.47 5.33 27.75
CA ALA B 188 -7.24 4.14 27.38
C ALA B 188 -8.74 4.41 27.45
N ASP B 189 -9.17 5.38 28.26
CA ASP B 189 -10.58 5.76 28.26
C ASP B 189 -10.96 6.47 26.97
N ALA B 190 -10.15 7.43 26.52
CA ALA B 190 -10.44 8.12 25.28
C ALA B 190 -10.15 7.24 24.07
N ASN B 191 -9.06 6.47 24.13
CA ASN B 191 -8.69 5.63 22.99
C ASN B 191 -9.74 4.58 22.72
N ARG B 192 -10.30 3.97 23.77
CA ARG B 192 -11.28 2.91 23.60
C ARG B 192 -12.65 3.45 23.20
N ARG B 193 -13.04 4.61 23.74
CA ARG B 193 -14.32 5.20 23.36
C ARG B 193 -14.34 5.58 21.89
N ASN B 194 -13.21 6.13 21.41
CA ASN B 194 -13.11 6.59 20.00
C ASN B 194 -12.46 5.52 19.10
N PHE B 195 -12.25 4.31 19.61
CA PHE B 195 -11.60 3.29 18.78
C PHE B 195 -12.50 2.81 17.65
N LEU B 196 -13.77 2.55 17.95
CA LEU B 196 -14.67 2.04 16.91
C LEU B 196 -14.87 3.06 15.81
N ALA B 197 -15.11 4.32 16.18
CA ALA B 197 -15.39 5.35 15.18
C ALA B 197 -14.14 5.72 14.39
N LEU B 198 -12.98 5.78 15.04
CA LEU B 198 -11.76 6.18 14.33
C LEU B 198 -11.39 5.17 13.25
N ALA B 199 -11.41 3.89 13.58
CA ALA B 199 -11.20 2.87 12.55
C ALA B 199 -12.33 2.87 11.53
N ARG B 200 -13.50 3.38 11.92
CA ARG B 200 -14.64 3.48 11.03
C ARG B 200 -14.48 4.65 10.05
N LEU B 201 -13.80 5.72 10.47
CA LEU B 201 -13.63 6.91 9.66
C LEU B 201 -12.31 6.95 8.91
N SER B 202 -11.35 6.10 9.26
CA SER B 202 -10.09 6.09 8.52
C SER B 202 -10.29 5.60 7.10
N GLY B 203 -11.06 4.54 6.93
CA GLY B 203 -11.28 3.97 5.62
C GLY B 203 -12.43 4.64 4.88
N HIS B 204 -12.79 5.85 5.31
CA HIS B 204 -13.91 6.55 4.71
C HIS B 204 -13.52 7.18 3.38
N PHE B 205 -12.41 7.93 3.35
CA PHE B 205 -12.01 8.61 2.11
C PHE B 205 -11.67 7.62 1.01
N LEU B 206 -10.96 6.54 1.34
CA LEU B 206 -10.69 5.52 0.34
C LEU B 206 -11.95 4.81 -0.09
N ASP B 207 -12.97 4.76 0.79
CA ASP B 207 -14.23 4.13 0.43
C ASP B 207 -15.07 5.01 -0.48
N ARG B 208 -15.00 6.33 -0.33
CA ARG B 208 -15.66 7.22 -1.28
C ARG B 208 -14.86 7.33 -2.57
N LEU B 209 -13.54 7.31 -2.46
CA LEU B 209 -12.68 7.38 -3.64
C LEU B 209 -12.83 6.12 -4.48
N ARG B 210 -12.73 4.95 -3.85
CA ARG B 210 -13.14 3.71 -4.47
C ARG B 210 -14.64 3.72 -4.66
N GLY B 211 -15.10 3.15 -5.77
CA GLY B 211 -16.53 3.26 -6.05
C GLY B 211 -16.98 4.69 -6.21
N MET B 212 -16.14 5.52 -6.81
CA MET B 212 -16.54 6.85 -7.25
C MET B 212 -17.40 6.79 -8.50
N GLU B 213 -17.39 5.64 -9.17
CA GLU B 213 -18.33 5.39 -10.26
C GLU B 213 -19.77 5.39 -9.77
N THR B 214 -20.03 4.73 -8.64
CA THR B 214 -21.39 4.67 -8.12
C THR B 214 -21.90 6.05 -7.74
N LEU B 215 -21.03 6.91 -7.21
CA LEU B 215 -21.44 8.28 -6.95
C LEU B 215 -21.71 9.03 -8.23
N ARG B 216 -20.99 8.69 -9.30
CA ARG B 216 -21.18 9.37 -10.58
C ARG B 216 -22.51 9.01 -11.22
N ILE B 217 -22.83 7.71 -11.26
CA ILE B 217 -24.03 7.25 -11.95
C ILE B 217 -25.32 7.58 -11.22
N PHE B 218 -25.24 8.00 -9.96
CA PHE B 218 -26.40 8.45 -9.21
C PHE B 218 -26.42 9.96 -9.02
N GLY B 219 -25.43 10.68 -9.55
CA GLY B 219 -25.39 12.11 -9.39
C GLY B 219 -25.22 12.57 -7.96
N ARG B 220 -24.46 11.82 -7.15
CA ARG B 220 -24.24 12.16 -5.76
C ARG B 220 -22.80 12.57 -5.49
N GLY B 221 -22.09 13.05 -6.51
CA GLY B 221 -20.72 13.49 -6.31
C GLY B 221 -20.62 14.80 -5.56
N GLU B 222 -21.65 15.64 -5.61
CA GLU B 222 -21.63 16.91 -4.91
C GLU B 222 -22.14 16.81 -3.48
N ALA B 223 -23.03 15.85 -3.21
CA ALA B 223 -23.52 15.65 -1.86
C ALA B 223 -22.60 14.76 -1.04
N GLU B 224 -21.61 14.12 -1.65
CA GLU B 224 -20.60 13.38 -0.94
C GLU B 224 -19.36 14.20 -0.63
N ILE B 225 -19.30 15.45 -1.12
CA ILE B 225 -18.29 16.38 -0.65
C ILE B 225 -18.59 16.78 0.79
N GLU B 226 -19.87 16.93 1.13
CA GLU B 226 -20.26 17.21 2.50
C GLU B 226 -20.18 15.98 3.39
N SER B 227 -20.17 14.79 2.79
CA SER B 227 -19.90 13.58 3.58
C SER B 227 -18.42 13.50 3.94
N ILE B 228 -17.55 13.83 2.98
CA ILE B 228 -16.12 13.90 3.27
C ILE B 228 -15.83 15.05 4.22
N ARG B 229 -16.56 16.16 4.08
CA ARG B 229 -16.36 17.29 4.99
C ARG B 229 -16.82 16.96 6.41
N SER B 230 -17.95 16.27 6.55
CA SER B 230 -18.48 15.96 7.87
C SER B 230 -17.92 14.66 8.44
N ALA B 231 -17.18 13.89 7.67
CA ALA B 231 -16.41 12.77 8.20
C ALA B 231 -14.97 13.14 8.49
N SER B 232 -14.52 14.29 8.01
CA SER B 232 -13.20 14.80 8.36
C SER B 232 -13.25 15.77 9.54
N GLU B 233 -14.40 16.40 9.75
CA GLU B 233 -14.60 17.15 10.99
C GLU B 233 -14.72 16.19 12.17
N ASP B 234 -15.47 15.11 12.00
CA ASP B 234 -15.59 14.11 13.05
C ASP B 234 -14.26 13.43 13.33
N PHE B 235 -13.53 13.07 12.27
CA PHE B 235 -12.23 12.43 12.46
C PHE B 235 -11.28 13.36 13.19
N ARG B 236 -11.28 14.65 12.84
CA ARG B 236 -10.37 15.58 13.49
C ARG B 236 -10.72 15.79 14.96
N GLN B 237 -12.01 15.99 15.26
CA GLN B 237 -12.40 16.25 16.63
C GLN B 237 -12.18 15.02 17.51
N ARG B 238 -12.54 13.84 17.02
CA ARG B 238 -12.34 12.63 17.81
C ARG B 238 -10.87 12.36 18.05
N THR B 239 -10.03 12.56 17.03
CA THR B 239 -8.61 12.25 17.16
C THR B 239 -7.85 13.31 17.95
N MET B 240 -8.38 14.53 18.06
CA MET B 240 -7.69 15.54 18.86
C MET B 240 -7.90 15.29 20.35
N GLU B 241 -9.07 14.80 20.74
CA GLU B 241 -9.30 14.39 22.12
C GLU B 241 -8.47 13.17 22.48
N VAL B 242 -8.19 12.30 21.49
CA VAL B 242 -7.23 11.22 21.70
C VAL B 242 -5.83 11.78 21.85
N LEU B 243 -5.50 12.81 21.08
CA LEU B 243 -4.16 13.39 21.05
C LEU B 243 -3.89 14.35 22.19
N ARG B 244 -4.93 14.82 22.90
CA ARG B 244 -4.67 15.61 24.09
C ARG B 244 -4.00 14.79 25.18
N LEU B 245 -4.28 13.49 25.21
CA LEU B 245 -3.64 12.58 26.15
C LEU B 245 -2.39 11.93 25.59
N ALA B 246 -2.26 11.86 24.27
CA ALA B 246 -1.07 11.27 23.67
C ALA B 246 0.12 12.22 23.75
N PHE B 247 -0.12 13.52 23.55
CA PHE B 247 0.93 14.52 23.69
C PHE B 247 1.20 14.89 25.14
N LEU B 248 0.30 14.53 26.05
CA LEU B 248 0.57 14.71 27.47
C LEU B 248 1.53 13.65 28.00
N SER B 249 1.39 12.42 27.52
CA SER B 249 2.35 11.38 27.89
C SER B 249 3.74 11.71 27.39
N SER B 250 3.84 12.22 26.16
CA SER B 250 5.12 12.70 25.66
C SER B 250 5.63 13.85 26.50
N GLY B 251 4.73 14.77 26.88
CA GLY B 251 5.14 15.94 27.64
C GLY B 251 5.72 15.63 29.00
N ILE B 252 5.48 14.42 29.52
CA ILE B 252 6.10 14.01 30.78
C ILE B 252 7.61 14.01 30.64
N LEU B 253 8.12 13.48 29.53
CA LEU B 253 9.56 13.47 29.30
C LEU B 253 10.11 14.89 29.15
N GLU B 254 9.39 15.74 28.41
CA GLU B 254 9.83 17.12 28.28
C GLU B 254 9.60 17.93 29.54
N PHE B 255 8.74 17.47 30.44
CA PHE B 255 8.63 18.11 31.75
C PHE B 255 9.87 17.81 32.59
N PHE B 256 10.26 16.54 32.67
CA PHE B 256 11.44 16.16 33.43
C PHE B 256 12.73 16.44 32.69
N THR B 257 12.67 16.64 31.36
CA THR B 257 13.86 17.09 30.65
C THR B 257 14.22 18.50 31.06
N SER B 258 13.23 19.39 31.18
CA SER B 258 13.47 20.78 31.51
C SER B 258 13.52 21.03 33.00
N LEU B 259 12.94 20.14 33.81
CA LEU B 259 13.12 20.23 35.26
C LEU B 259 14.52 19.76 35.65
N SER B 260 15.07 18.79 34.94
CA SER B 260 16.40 18.28 35.25
C SER B 260 17.49 19.25 34.83
N ILE B 261 17.25 20.04 33.77
CA ILE B 261 18.17 21.11 33.43
C ILE B 261 17.94 22.34 34.30
N ALA B 262 16.75 22.51 34.86
CA ALA B 262 16.50 23.61 35.78
C ALA B 262 17.10 23.34 37.15
N LEU B 263 16.91 22.12 37.67
CA LEU B 263 17.44 21.80 38.99
C LEU B 263 18.97 21.76 38.99
N VAL B 264 19.56 21.21 37.94
CA VAL B 264 21.02 21.20 37.84
C VAL B 264 21.56 22.63 37.80
N ALA B 265 20.89 23.51 37.07
CA ALA B 265 21.33 24.90 36.99
C ALA B 265 21.19 25.60 38.33
N VAL B 266 20.11 25.33 39.06
CA VAL B 266 19.87 26.01 40.33
C VAL B 266 20.73 25.40 41.44
N TYR B 267 20.78 24.08 41.53
CA TYR B 267 21.59 23.44 42.57
C TYR B 267 23.06 23.79 42.42
N PHE B 268 23.58 23.67 41.19
CA PHE B 268 24.96 24.10 40.96
C PHE B 268 25.10 25.61 41.12
N GLY B 269 24.12 26.37 40.63
CA GLY B 269 24.21 27.82 40.71
C GLY B 269 24.28 28.33 42.13
N PHE B 270 23.51 27.70 43.03
CA PHE B 270 23.56 28.09 44.43
C PHE B 270 24.75 27.45 45.15
N SER B 271 25.17 26.26 44.71
CA SER B 271 26.35 25.63 45.29
C SER B 271 27.59 26.50 45.09
N TYR B 272 27.65 27.25 43.99
CA TYR B 272 28.75 28.16 43.76
C TYR B 272 28.60 29.46 44.55
N LEU B 273 27.41 29.73 45.09
CA LEU B 273 27.15 30.96 45.82
C LEU B 273 27.13 30.76 47.33
N GLY B 274 27.54 29.60 47.81
CA GLY B 274 27.56 29.31 49.23
C GLY B 274 26.34 28.59 49.76
N GLU B 275 25.23 28.63 49.03
CA GLU B 275 24.04 27.89 49.41
C GLU B 275 24.14 26.45 48.92
N LEU B 276 23.23 25.61 49.42
CA LEU B 276 23.09 24.22 48.97
C LEU B 276 24.43 23.49 49.00
N ASP B 277 25.05 23.47 50.19
CA ASP B 277 26.35 22.82 50.34
C ASP B 277 26.25 21.31 50.18
N PHE B 278 25.06 20.73 50.29
CA PHE B 278 24.90 19.29 50.24
C PHE B 278 25.22 18.75 48.84
N GLY B 279 25.17 17.44 48.71
CA GLY B 279 25.16 16.78 47.43
C GLY B 279 26.51 16.49 46.82
N HIS B 280 27.59 17.05 47.35
CA HIS B 280 28.91 16.85 46.78
C HIS B 280 29.85 16.29 47.83
N TYR B 281 30.76 15.43 47.39
CA TYR B 281 31.77 14.79 48.27
C TYR B 281 32.62 15.91 48.87
N ASP B 282 33.16 15.73 50.07
CA ASP B 282 33.84 16.82 50.85
C ASP B 282 35.06 17.49 50.17
N THR B 283 35.68 16.89 49.15
CA THR B 283 36.88 17.53 48.53
C THR B 283 36.53 18.95 48.05
N GLY B 284 35.37 19.17 47.41
CA GLY B 284 35.01 20.54 47.01
C GLY B 284 34.08 20.63 45.81
N VAL B 285 33.68 21.85 45.45
CA VAL B 285 32.76 22.13 44.30
C VAL B 285 33.61 22.68 43.14
N THR B 286 33.29 22.29 41.91
CA THR B 286 34.11 22.68 40.77
C THR B 286 33.20 23.16 39.64
N LEU B 287 33.61 24.23 38.96
CA LEU B 287 32.85 24.71 37.82
C LEU B 287 32.80 23.67 36.71
N ALA B 288 33.94 23.03 36.42
CA ALA B 288 33.96 21.98 35.42
C ALA B 288 33.10 20.79 35.83
N ALA B 289 32.79 20.65 37.12
CA ALA B 289 31.86 19.61 37.55
C ALA B 289 30.42 20.04 37.35
N GLY B 290 30.18 21.32 37.08
CA GLY B 290 28.85 21.83 36.79
C GLY B 290 28.60 21.90 35.31
N PHE B 291 29.63 22.27 34.54
CA PHE B 291 29.54 22.22 33.09
C PHE B 291 29.35 20.78 32.61
N LEU B 292 30.11 19.85 33.18
CA LEU B 292 29.98 18.45 32.78
C LEU B 292 28.57 17.94 33.05
N ALA B 293 27.98 18.32 34.19
CA ALA B 293 26.62 17.89 34.49
C ALA B 293 25.60 18.64 33.65
N LEU B 294 25.86 19.91 33.33
CA LEU B 294 24.90 20.68 32.54
C LEU B 294 24.90 20.25 31.08
N ILE B 295 26.09 19.98 30.51
CA ILE B 295 26.16 19.52 29.13
C ILE B 295 25.49 18.16 28.99
N LEU B 296 25.60 17.31 30.01
CA LEU B 296 25.10 15.95 29.96
C LEU B 296 23.65 15.80 30.37
N ALA B 297 23.05 16.83 30.98
CA ALA B 297 21.64 16.72 31.36
C ALA B 297 20.71 16.64 30.16
N PRO B 298 20.84 17.49 29.12
CA PRO B 298 20.01 17.29 27.93
C PRO B 298 20.29 15.98 27.22
N GLU B 299 21.50 15.45 27.35
CA GLU B 299 21.86 14.21 26.67
C GLU B 299 21.44 12.99 27.46
N PHE B 300 21.00 13.16 28.71
CA PHE B 300 20.42 12.06 29.46
C PHE B 300 19.11 11.60 28.86
N PHE B 301 18.27 12.53 28.40
CA PHE B 301 16.93 12.24 27.92
C PHE B 301 16.85 12.10 26.41
N GLN B 302 17.86 12.53 25.67
CA GLN B 302 17.84 12.37 24.22
C GLN B 302 17.69 10.92 23.77
N PRO B 303 18.40 9.93 24.33
CA PRO B 303 18.10 8.53 23.97
C PRO B 303 16.68 8.12 24.28
N LEU B 304 16.08 8.68 25.32
CA LEU B 304 14.69 8.38 25.68
C LEU B 304 13.69 9.21 24.89
N ARG B 305 14.15 10.26 24.22
CA ARG B 305 13.29 11.08 23.37
C ARG B 305 13.26 10.57 21.94
N ASP B 306 14.42 10.15 21.42
CA ASP B 306 14.45 9.45 20.14
C ASP B 306 13.62 8.17 20.20
N LEU B 307 13.70 7.46 21.32
CA LEU B 307 12.92 6.23 21.48
C LEU B 307 11.42 6.50 21.39
N GLY B 308 10.98 7.69 21.79
CA GLY B 308 9.59 8.03 21.64
C GLY B 308 9.17 8.14 20.18
N THR B 309 10.06 8.65 19.33
CA THR B 309 9.76 8.75 17.91
C THR B 309 9.87 7.42 17.20
N PHE B 310 10.78 6.55 17.63
CA PHE B 310 10.98 5.25 17.02
C PHE B 310 10.03 4.18 17.54
N TYR B 311 9.14 4.54 18.47
CA TYR B 311 8.28 3.53 19.08
C TYR B 311 7.18 3.08 18.13
N HIS B 312 6.76 3.95 17.21
CA HIS B 312 5.77 3.55 16.22
C HIS B 312 6.28 2.40 15.36
N ALA B 313 7.59 2.28 15.21
CA ALA B 313 8.18 1.20 14.43
C ALA B 313 7.94 -0.15 15.09
N LYS B 314 7.63 -0.19 16.38
CA LYS B 314 7.29 -1.44 17.03
C LYS B 314 5.87 -1.89 16.68
N ALA B 315 4.93 -0.94 16.60
CA ALA B 315 3.55 -1.29 16.28
C ALA B 315 3.42 -1.80 14.85
N GLN B 316 4.10 -1.15 13.91
CA GLN B 316 4.01 -1.58 12.53
C GLN B 316 4.92 -2.75 12.21
N ALA B 317 5.76 -3.18 13.14
CA ALA B 317 6.53 -4.40 12.96
C ALA B 317 5.84 -5.62 13.56
N VAL B 318 4.93 -5.43 14.52
CA VAL B 318 4.16 -6.55 15.04
C VAL B 318 2.92 -6.76 14.19
N GLY B 319 2.31 -5.68 13.70
CA GLY B 319 1.27 -5.83 12.70
C GLY B 319 1.77 -6.53 11.46
N ALA B 320 3.00 -6.22 11.06
CA ALA B 320 3.65 -6.99 10.01
C ALA B 320 3.90 -8.42 10.46
N ALA B 321 4.30 -8.60 11.73
CA ALA B 321 4.53 -9.94 12.25
C ALA B 321 3.24 -10.70 12.52
N ASP B 322 2.12 -9.98 12.70
CA ASP B 322 0.84 -10.66 12.89
C ASP B 322 0.47 -11.47 11.66
N SER B 323 0.63 -10.89 10.48
CA SER B 323 0.28 -11.56 9.23
C SER B 323 1.43 -12.36 8.63
N LEU B 324 2.66 -12.14 9.10
CA LEU B 324 3.79 -12.95 8.65
C LEU B 324 3.98 -14.19 9.50
N LYS B 325 3.60 -14.14 10.77
CA LYS B 325 3.64 -15.35 11.59
C LYS B 325 2.61 -16.36 11.12
N THR B 326 1.37 -15.92 10.91
CA THR B 326 0.33 -16.83 10.44
C THR B 326 0.66 -17.39 9.07
N PHE B 327 1.35 -16.62 8.23
CA PHE B 327 1.77 -17.13 6.93
C PHE B 327 2.72 -18.31 7.09
N MET B 328 3.69 -18.18 8.00
CA MET B 328 4.72 -19.19 8.16
C MET B 328 4.31 -20.34 9.07
N GLU B 329 3.18 -20.18 9.77
CA GLU B 329 2.72 -21.22 10.75
C GLU B 329 1.60 -22.08 10.15
N THR B 330 1.03 -21.70 9.00
CA THR B 330 -0.03 -22.53 8.39
C THR B 330 0.56 -23.89 8.02
N PRO B 331 -0.16 -25.03 8.21
CA PRO B 331 0.41 -26.34 7.90
C PRO B 331 0.78 -26.48 6.41
N LEU B 332 -0.13 -26.09 5.52
CA LEU B 332 0.14 -26.09 4.06
C LEU B 332 0.73 -27.41 3.58
N ALA B 333 0.06 -28.54 3.84
CA ALA B 333 0.61 -29.83 3.35
C ALA B 333 0.74 -29.72 1.83
N HIS B 334 1.89 -30.11 1.27
CA HIS B 334 2.16 -29.95 -0.18
C HIS B 334 2.65 -31.26 -0.80
N PRO B 335 2.58 -31.42 -2.14
CA PRO B 335 2.99 -32.65 -2.82
C PRO B 335 4.42 -33.08 -2.47
N GLN B 336 4.62 -34.39 -2.28
CA GLN B 336 5.96 -34.92 -1.92
C GLN B 336 6.84 -34.95 -3.19
N ARG B 337 8.04 -34.36 -3.10
CA ARG B 337 9.00 -34.36 -4.22
C ARG B 337 9.70 -35.72 -4.28
N GLY B 338 10.21 -36.11 -5.45
CA GLY B 338 10.90 -37.40 -5.59
C GLY B 338 12.21 -37.25 -6.35
N GLU B 339 12.89 -38.36 -6.64
CA GLU B 339 14.14 -38.30 -7.38
C GLU B 339 14.10 -39.05 -8.71
N ALA B 340 13.23 -40.05 -8.83
CA ALA B 340 13.13 -40.79 -10.08
C ALA B 340 12.64 -39.90 -11.20
N GLU B 341 13.06 -40.23 -12.42
CA GLU B 341 12.69 -39.41 -13.57
C GLU B 341 12.42 -40.31 -14.77
N LEU B 342 11.67 -39.77 -15.72
CA LEU B 342 11.30 -40.49 -16.92
C LEU B 342 12.35 -40.25 -18.00
N ALA B 343 13.00 -41.32 -18.45
CA ALA B 343 13.97 -41.19 -19.52
C ALA B 343 13.29 -40.98 -20.87
N SER B 344 12.23 -41.74 -21.14
CA SER B 344 11.59 -41.72 -22.44
C SER B 344 10.77 -40.45 -22.63
N THR B 345 10.79 -39.91 -23.85
CA THR B 345 9.97 -38.78 -24.23
C THR B 345 8.69 -39.22 -24.93
N ASP B 346 8.42 -40.52 -24.97
CA ASP B 346 7.22 -41.03 -25.61
C ASP B 346 5.98 -40.66 -24.78
N PRO B 347 4.80 -40.70 -25.39
CA PRO B 347 3.57 -40.44 -24.62
C PRO B 347 3.46 -41.39 -23.44
N VAL B 348 2.95 -40.88 -22.33
CA VAL B 348 2.92 -41.60 -21.07
C VAL B 348 1.60 -42.34 -20.92
N THR B 349 1.61 -43.36 -20.08
CA THR B 349 0.41 -44.10 -19.69
C THR B 349 0.04 -43.67 -18.28
N ILE B 350 -1.21 -43.24 -18.11
CA ILE B 350 -1.69 -42.73 -16.84
C ILE B 350 -2.78 -43.66 -16.33
N GLU B 351 -2.57 -44.24 -15.16
CA GLU B 351 -3.59 -45.02 -14.48
C GLU B 351 -3.60 -44.64 -13.00
N ALA B 352 -4.80 -44.47 -12.45
CA ALA B 352 -4.98 -44.08 -11.06
C ALA B 352 -5.90 -45.07 -10.37
N GLU B 353 -5.48 -45.56 -9.21
CA GLU B 353 -6.26 -46.50 -8.41
C GLU B 353 -6.55 -45.87 -7.06
N GLU B 354 -7.83 -45.68 -6.75
CA GLU B 354 -8.26 -45.11 -5.48
C GLU B 354 -7.58 -43.76 -5.22
N LEU B 355 -7.47 -42.96 -6.28
CA LEU B 355 -6.75 -41.66 -6.22
C LEU B 355 -7.60 -40.59 -5.54
N PHE B 356 -7.03 -39.92 -4.53
CA PHE B 356 -7.70 -38.81 -3.81
C PHE B 356 -6.85 -37.55 -3.94
N ILE B 357 -7.46 -36.45 -4.39
CA ILE B 357 -6.72 -35.15 -4.52
C ILE B 357 -7.01 -34.35 -3.26
N THR B 358 -5.99 -33.79 -2.61
CA THR B 358 -6.18 -33.08 -1.36
C THR B 358 -5.73 -31.63 -1.51
N SER B 359 -6.55 -30.71 -0.99
CA SER B 359 -6.25 -29.29 -1.02
C SER B 359 -5.01 -28.99 -0.17
N PRO B 360 -4.33 -27.88 -0.44
CA PRO B 360 -3.17 -27.52 0.39
C PRO B 360 -3.49 -27.39 1.87
N GLU B 361 -4.69 -26.93 2.21
CA GLU B 361 -5.10 -26.87 3.61
C GLU B 361 -5.37 -28.25 4.20
N GLY B 362 -5.74 -29.23 3.38
CA GLY B 362 -5.95 -30.59 3.85
C GLY B 362 -7.25 -31.23 3.43
N LYS B 363 -8.23 -30.45 2.99
CA LYS B 363 -9.50 -31.01 2.56
C LYS B 363 -9.35 -31.68 1.20
N THR B 364 -10.26 -32.60 0.90
CA THR B 364 -10.21 -33.36 -0.33
C THR B 364 -11.02 -32.66 -1.42
N LEU B 365 -10.39 -32.49 -2.58
CA LEU B 365 -11.05 -31.85 -3.72
C LEU B 365 -11.61 -32.84 -4.72
N ALA B 366 -11.02 -34.04 -4.82
CA ALA B 366 -11.53 -35.09 -5.69
C ALA B 366 -11.53 -36.40 -4.92
N GLY B 367 -12.57 -37.20 -5.15
CA GLY B 367 -12.75 -38.44 -4.42
C GLY B 367 -12.04 -39.61 -5.07
N PRO B 368 -12.57 -40.82 -4.87
CA PRO B 368 -11.87 -42.02 -5.31
C PRO B 368 -11.91 -42.24 -6.82
N LEU B 369 -10.97 -41.61 -7.53
CA LEU B 369 -10.93 -41.68 -8.98
C LEU B 369 -10.22 -42.96 -9.45
N ASN B 370 -10.87 -43.68 -10.35
CA ASN B 370 -10.26 -44.83 -11.01
C ASN B 370 -10.31 -44.59 -12.51
N PHE B 371 -9.15 -44.56 -13.15
CA PHE B 371 -9.10 -44.38 -14.60
C PHE B 371 -7.76 -44.90 -15.12
N THR B 372 -7.73 -45.21 -16.41
CA THR B 372 -6.52 -45.67 -17.07
C THR B 372 -6.47 -45.06 -18.46
N LEU B 373 -5.35 -44.44 -18.79
CA LEU B 373 -5.17 -43.75 -20.07
C LEU B 373 -3.89 -44.23 -20.73
N PRO B 374 -3.96 -45.20 -21.63
CA PRO B 374 -2.74 -45.71 -22.28
C PRO B 374 -2.09 -44.66 -23.16
N ALA B 375 -0.85 -44.94 -23.52
CA ALA B 375 -0.03 -43.98 -24.26
C ALA B 375 -0.63 -43.68 -25.62
N GLY B 376 -0.63 -42.40 -25.99
CA GLY B 376 -1.14 -41.98 -27.27
C GLY B 376 -2.64 -41.81 -27.34
N GLN B 377 -3.36 -42.09 -26.26
CA GLN B 377 -4.81 -41.97 -26.25
C GLN B 377 -5.21 -40.67 -25.56
N ARG B 378 -6.14 -39.94 -26.16
CA ARG B 378 -6.59 -38.66 -25.66
C ARG B 378 -7.96 -38.80 -25.01
N ALA B 379 -8.06 -38.39 -23.76
CA ALA B 379 -9.30 -38.40 -22.99
C ALA B 379 -9.85 -37.00 -22.86
N VAL B 380 -11.12 -36.91 -22.47
CA VAL B 380 -11.77 -35.61 -22.25
C VAL B 380 -12.60 -35.69 -20.98
N LEU B 381 -12.54 -34.64 -20.17
CA LEU B 381 -13.24 -34.58 -18.89
C LEU B 381 -14.50 -33.71 -19.05
N VAL B 382 -15.65 -34.28 -18.71
CA VAL B 382 -16.91 -33.56 -18.74
C VAL B 382 -17.59 -33.70 -17.39
N GLY B 383 -18.23 -32.64 -16.93
CA GLY B 383 -18.96 -32.70 -15.68
C GLY B 383 -19.54 -31.36 -15.33
N ARG B 384 -20.35 -31.35 -14.28
CA ARG B 384 -20.89 -30.11 -13.77
C ARG B 384 -19.81 -29.28 -13.10
N SER B 385 -20.07 -27.99 -12.96
CA SER B 385 -19.13 -27.10 -12.29
C SER B 385 -18.92 -27.54 -10.85
N GLY B 386 -17.67 -27.51 -10.41
CA GLY B 386 -17.34 -27.95 -9.06
C GLY B 386 -17.20 -29.44 -8.87
N SER B 387 -17.07 -30.20 -9.95
CA SER B 387 -17.01 -31.65 -9.86
C SER B 387 -15.59 -32.20 -9.69
N GLY B 388 -14.60 -31.33 -9.53
CA GLY B 388 -13.23 -31.78 -9.41
C GLY B 388 -12.52 -32.02 -10.71
N LYS B 389 -12.99 -31.39 -11.79
CA LYS B 389 -12.40 -31.56 -13.14
C LYS B 389 -11.00 -30.95 -13.19
N SER B 390 -10.86 -29.71 -12.71
CA SER B 390 -9.59 -29.00 -12.71
C SER B 390 -8.68 -29.43 -11.56
N SER B 391 -9.22 -30.09 -10.54
CA SER B 391 -8.37 -30.62 -9.48
C SER B 391 -7.61 -31.84 -9.96
N LEU B 392 -8.21 -32.64 -10.84
CA LEU B 392 -7.49 -33.75 -11.45
C LEU B 392 -6.38 -33.23 -12.36
N LEU B 393 -6.59 -32.11 -13.04
CA LEU B 393 -5.55 -31.56 -13.90
C LEU B 393 -4.44 -30.90 -13.11
N ASN B 394 -4.73 -30.44 -11.89
CA ASN B 394 -3.67 -29.92 -11.03
C ASN B 394 -2.85 -31.03 -10.40
N ALA B 395 -3.47 -32.18 -10.12
CA ALA B 395 -2.72 -33.31 -9.58
C ALA B 395 -1.75 -33.85 -10.62
N LEU B 396 -2.22 -34.05 -11.85
CA LEU B 396 -1.33 -34.51 -12.91
C LEU B 396 -0.21 -33.52 -13.19
N SER B 397 -0.44 -32.24 -12.88
CA SER B 397 0.59 -31.23 -13.07
C SER B 397 1.60 -31.21 -11.94
N GLY B 398 1.29 -31.83 -10.81
CA GLY B 398 2.15 -31.77 -9.65
C GLY B 398 1.82 -30.66 -8.68
N PHE B 399 0.74 -29.92 -8.92
CA PHE B 399 0.40 -28.79 -8.06
C PHE B 399 -0.36 -29.19 -6.80
N LEU B 400 -0.87 -30.42 -6.74
CA LEU B 400 -1.68 -30.86 -5.62
C LEU B 400 -1.19 -32.20 -5.10
N SER B 401 -1.49 -32.46 -3.83
CA SER B 401 -1.04 -33.65 -3.13
C SER B 401 -2.13 -34.71 -3.16
N TYR B 402 -1.77 -35.93 -3.53
CA TYR B 402 -2.71 -37.03 -3.64
C TYR B 402 -2.30 -38.15 -2.70
N GLN B 403 -3.28 -38.73 -1.99
CA GLN B 403 -3.03 -39.82 -1.07
C GLN B 403 -3.11 -41.19 -1.71
N GLY B 404 -3.89 -41.35 -2.78
CA GLY B 404 -4.05 -42.63 -3.45
C GLY B 404 -2.85 -42.95 -4.32
N SER B 405 -3.14 -43.57 -5.46
CA SER B 405 -2.12 -43.95 -6.43
C SER B 405 -2.39 -43.28 -7.77
N LEU B 406 -1.35 -42.71 -8.36
CA LEU B 406 -1.41 -42.08 -9.67
C LEU B 406 -0.08 -42.32 -10.35
N ARG B 407 -0.08 -43.12 -11.41
CA ARG B 407 1.14 -43.63 -12.02
C ARG B 407 1.37 -42.99 -13.38
N ILE B 408 2.63 -42.68 -13.66
CA ILE B 408 3.05 -42.21 -14.97
C ILE B 408 4.06 -43.22 -15.51
N ASN B 409 3.67 -43.92 -16.58
CA ASN B 409 4.49 -44.99 -17.16
C ASN B 409 4.82 -46.06 -16.14
N GLY B 410 3.93 -46.28 -15.17
CA GLY B 410 4.16 -47.22 -14.11
C GLY B 410 4.89 -46.66 -12.91
N ILE B 411 5.50 -45.48 -13.03
CA ILE B 411 6.22 -44.84 -11.93
C ILE B 411 5.25 -43.92 -11.21
N GLU B 412 5.17 -44.06 -9.88
CA GLU B 412 4.26 -43.24 -9.10
C GLU B 412 4.60 -41.76 -9.27
N LEU B 413 3.56 -40.93 -9.36
CA LEU B 413 3.77 -39.51 -9.61
C LEU B 413 4.52 -38.84 -8.48
N ARG B 414 4.18 -39.18 -7.23
CA ARG B 414 4.83 -38.56 -6.10
C ARG B 414 6.28 -39.00 -5.95
N ASP B 415 6.69 -40.05 -6.66
CA ASP B 415 8.08 -40.48 -6.69
C ASP B 415 8.80 -40.00 -7.95
N LEU B 416 8.25 -39.00 -8.64
CA LEU B 416 8.79 -38.50 -9.89
C LEU B 416 9.29 -37.08 -9.67
N SER B 417 10.53 -36.82 -10.06
CA SER B 417 11.14 -35.52 -9.77
C SER B 417 10.39 -34.42 -10.51
N PRO B 418 9.90 -33.39 -9.81
CA PRO B 418 9.09 -32.37 -10.49
C PRO B 418 9.81 -31.67 -11.62
N GLU B 419 11.09 -31.38 -11.46
CA GLU B 419 11.82 -30.63 -12.47
C GLU B 419 12.02 -31.41 -13.76
N SER B 420 11.91 -32.73 -13.71
CA SER B 420 11.98 -33.55 -14.91
C SER B 420 10.62 -33.95 -15.43
N TRP B 421 9.65 -34.16 -14.52
CA TRP B 421 8.29 -34.45 -14.94
C TRP B 421 7.69 -33.29 -15.73
N ARG B 422 7.96 -32.06 -15.30
CA ARG B 422 7.41 -30.90 -15.99
C ARG B 422 8.01 -30.68 -17.37
N LYS B 423 9.20 -31.26 -17.65
CA LYS B 423 9.72 -31.18 -19.00
C LYS B 423 8.96 -32.08 -19.96
N HIS B 424 8.22 -33.06 -19.45
CA HIS B 424 7.36 -33.91 -20.25
C HIS B 424 5.91 -33.46 -20.18
N LEU B 425 5.65 -32.29 -19.62
CA LEU B 425 4.31 -31.80 -19.36
C LEU B 425 4.12 -30.44 -20.03
N SER B 426 2.89 -30.19 -20.48
CA SER B 426 2.56 -28.95 -21.16
C SER B 426 1.05 -28.81 -21.18
N TRP B 427 0.51 -27.70 -20.68
CA TRP B 427 -0.92 -27.49 -20.85
C TRP B 427 -1.28 -26.03 -21.04
N VAL B 428 -2.51 -25.85 -21.53
CA VAL B 428 -3.15 -24.55 -21.71
C VAL B 428 -4.28 -24.47 -20.70
N GLY B 429 -4.26 -23.43 -19.87
CA GLY B 429 -5.26 -23.31 -18.82
C GLY B 429 -6.54 -22.66 -19.30
N GLN B 430 -7.41 -22.36 -18.35
CA GLN B 430 -8.71 -21.70 -18.68
C GLN B 430 -8.45 -20.22 -18.99
N ASN B 431 -7.50 -19.61 -18.28
CA ASN B 431 -7.24 -18.18 -18.42
C ASN B 431 -5.81 -17.96 -18.90
N PRO B 432 -5.61 -17.14 -19.94
CA PRO B 432 -4.25 -16.91 -20.43
C PRO B 432 -3.45 -16.07 -19.45
N GLN B 433 -2.43 -16.68 -18.85
CA GLN B 433 -1.53 -16.00 -17.93
C GLN B 433 -0.19 -15.82 -18.63
N LEU B 434 0.07 -14.61 -19.10
CA LEU B 434 1.33 -14.32 -19.78
C LEU B 434 2.28 -13.62 -18.82
N PRO B 435 3.28 -14.32 -18.29
CA PRO B 435 4.19 -13.72 -17.31
C PRO B 435 5.49 -13.17 -17.86
N ALA B 436 5.70 -13.18 -19.18
CA ALA B 436 6.93 -12.66 -19.77
C ALA B 436 6.72 -11.23 -20.26
N ALA B 437 7.84 -10.55 -20.51
CA ALA B 437 7.80 -9.12 -20.81
C ALA B 437 7.08 -8.85 -22.12
N THR B 438 7.48 -9.51 -23.20
CA THR B 438 6.97 -9.22 -24.52
C THR B 438 6.10 -10.37 -25.01
N LEU B 439 5.63 -10.24 -26.25
CA LEU B 439 4.83 -11.30 -26.87
C LEU B 439 5.70 -12.44 -27.39
N ARG B 440 6.93 -12.13 -27.81
CA ARG B 440 7.87 -13.17 -28.22
C ARG B 440 8.48 -13.88 -27.02
N ASP B 441 8.66 -13.17 -25.91
CA ASP B 441 9.19 -13.81 -24.71
C ASP B 441 8.21 -14.81 -24.13
N ASN B 442 6.91 -14.57 -24.31
CA ASN B 442 5.91 -15.51 -23.80
C ASN B 442 5.85 -16.77 -24.65
N VAL B 443 5.90 -16.62 -25.98
CA VAL B 443 5.84 -17.78 -26.86
C VAL B 443 7.06 -18.66 -26.64
N LEU B 444 8.23 -18.06 -26.53
CA LEU B 444 9.48 -18.78 -26.31
C LEU B 444 9.73 -19.08 -24.83
N LEU B 445 8.71 -19.01 -23.97
CA LEU B 445 8.95 -19.21 -22.55
C LEU B 445 9.30 -20.66 -22.24
N ALA B 446 8.88 -21.59 -23.09
CA ALA B 446 9.23 -22.99 -22.87
C ALA B 446 10.67 -23.28 -23.25
N ARG B 447 11.17 -22.64 -24.31
CA ARG B 447 12.56 -22.77 -24.74
C ARG B 447 13.02 -21.44 -25.32
N PRO B 448 13.68 -20.60 -24.52
CA PRO B 448 14.02 -19.25 -25.00
C PRO B 448 15.12 -19.22 -26.05
N ASP B 449 15.94 -20.26 -26.16
CA ASP B 449 17.05 -20.26 -27.11
C ASP B 449 16.66 -20.88 -28.44
N ALA B 450 15.58 -20.36 -29.03
CA ALA B 450 15.05 -20.88 -30.28
C ALA B 450 15.27 -19.88 -31.40
N SER B 451 15.58 -20.39 -32.59
CA SER B 451 15.79 -19.54 -33.75
C SER B 451 14.45 -19.10 -34.33
N GLU B 452 14.52 -18.15 -35.27
CA GLU B 452 13.31 -17.56 -35.83
C GLU B 452 12.49 -18.58 -36.62
N GLN B 453 13.18 -19.55 -37.21
CA GLN B 453 12.49 -20.57 -38.04
C GLN B 453 11.39 -21.26 -37.21
N GLU B 454 11.76 -21.82 -36.06
CA GLU B 454 10.79 -22.53 -35.23
C GLU B 454 9.97 -21.60 -34.35
N LEU B 455 10.38 -20.33 -34.20
CA LEU B 455 9.50 -19.35 -33.59
C LEU B 455 8.38 -18.96 -34.55
N GLN B 456 8.76 -18.73 -35.82
CA GLN B 456 7.79 -18.35 -36.88
C GLN B 456 6.82 -19.51 -37.14
N ALA B 457 7.29 -20.75 -36.96
CA ALA B 457 6.43 -21.92 -37.11
C ALA B 457 5.40 -21.98 -35.98
N ALA B 458 5.80 -21.63 -34.77
CA ALA B 458 4.89 -21.67 -33.64
C ALA B 458 3.75 -20.65 -33.81
N LEU B 459 4.09 -19.44 -34.25
CA LEU B 459 3.07 -18.41 -34.41
C LEU B 459 2.09 -18.75 -35.52
N ASP B 460 2.59 -19.25 -36.66
CA ASP B 460 1.71 -19.58 -37.77
C ASP B 460 0.83 -20.78 -37.45
N ASN B 461 1.38 -21.76 -36.74
CA ASN B 461 0.60 -22.94 -36.37
C ASN B 461 -0.54 -22.59 -35.43
N ALA B 462 -0.37 -21.56 -34.60
CA ALA B 462 -1.39 -21.14 -33.65
C ALA B 462 -2.19 -19.93 -34.13
N TRP B 463 -1.90 -19.41 -35.33
CA TRP B 463 -2.50 -18.15 -35.80
C TRP B 463 -2.32 -17.03 -34.79
N VAL B 464 -1.12 -16.91 -34.26
CA VAL B 464 -0.73 -15.69 -33.55
C VAL B 464 -0.23 -14.64 -34.53
N SER B 465 0.24 -15.04 -35.70
CA SER B 465 0.80 -14.12 -36.67
C SER B 465 -0.25 -13.40 -37.50
N GLU B 466 -1.51 -13.80 -37.43
CA GLU B 466 -2.54 -13.14 -38.21
C GLU B 466 -3.06 -11.87 -37.54
N PHE B 467 -2.82 -11.70 -36.24
CA PHE B 467 -3.14 -10.45 -35.56
C PHE B 467 -1.90 -9.65 -35.20
N LEU B 468 -0.72 -10.11 -35.59
CA LEU B 468 0.50 -9.33 -35.37
C LEU B 468 0.48 -7.97 -36.03
N PRO B 469 0.01 -7.79 -37.27
CA PRO B 469 -0.07 -6.43 -37.82
C PRO B 469 -0.92 -5.48 -36.98
N LEU B 470 -1.91 -6.00 -36.26
CA LEU B 470 -2.70 -5.15 -35.38
C LEU B 470 -1.85 -4.58 -34.26
N LEU B 471 -0.93 -5.38 -33.73
CA LEU B 471 -0.08 -4.93 -32.63
C LEU B 471 0.90 -3.87 -33.12
N PRO B 472 1.30 -2.94 -32.25
CA PRO B 472 2.17 -1.84 -32.67
C PRO B 472 3.58 -2.28 -33.07
N GLN B 473 4.25 -3.03 -32.20
CA GLN B 473 5.65 -3.39 -32.41
C GLN B 473 5.82 -4.78 -33.03
N GLY B 474 4.73 -5.44 -33.39
CA GLY B 474 4.82 -6.74 -34.05
C GLY B 474 4.81 -7.87 -33.04
N VAL B 475 5.88 -8.67 -33.04
CA VAL B 475 6.00 -9.80 -32.11
C VAL B 475 6.76 -9.41 -30.85
N ASP B 476 7.35 -8.22 -30.80
CA ASP B 476 8.11 -7.77 -29.66
C ASP B 476 7.33 -6.79 -28.78
N THR B 477 6.02 -6.70 -28.97
CA THR B 477 5.22 -5.73 -28.22
C THR B 477 5.21 -6.10 -26.75
N PRO B 478 5.53 -5.18 -25.84
CA PRO B 478 5.30 -5.44 -24.42
C PRO B 478 3.80 -5.58 -24.16
N VAL B 479 3.40 -6.78 -23.75
CA VAL B 479 1.99 -7.12 -23.60
C VAL B 479 1.60 -7.03 -22.13
N GLY B 480 0.30 -6.97 -21.88
CA GLY B 480 -0.21 -6.87 -20.54
C GLY B 480 -1.52 -6.12 -20.55
N ASP B 481 -2.08 -5.95 -19.35
CA ASP B 481 -3.25 -5.11 -19.20
C ASP B 481 -2.88 -3.63 -19.08
N GLN B 482 -1.59 -3.37 -18.84
CA GLN B 482 -1.05 -1.99 -18.69
C GLN B 482 -0.32 -1.56 -19.96
N ALA B 483 -0.22 -2.45 -20.96
CA ALA B 483 0.44 -2.12 -22.21
C ALA B 483 0.01 -3.12 -23.26
N ALA B 484 -0.58 -2.63 -24.35
CA ALA B 484 -0.95 -3.45 -25.50
C ALA B 484 -1.85 -4.62 -25.07
N ARG B 485 -3.03 -4.26 -24.58
CA ARG B 485 -3.99 -5.27 -24.17
C ARG B 485 -4.34 -6.19 -25.33
N LEU B 486 -4.29 -7.49 -25.07
CA LEU B 486 -4.73 -8.50 -26.01
C LEU B 486 -6.09 -9.01 -25.55
N SER B 487 -7.03 -9.13 -26.48
CA SER B 487 -8.31 -9.70 -26.11
C SER B 487 -8.13 -11.16 -25.70
N VAL B 488 -9.12 -11.68 -24.97
CA VAL B 488 -9.00 -13.04 -24.43
C VAL B 488 -8.81 -14.04 -25.56
N GLY B 489 -9.34 -13.76 -26.74
CA GLY B 489 -9.06 -14.62 -27.89
C GLY B 489 -7.61 -14.52 -28.35
N GLN B 490 -7.04 -13.32 -28.32
CA GLN B 490 -5.68 -13.14 -28.80
C GLN B 490 -4.65 -13.65 -27.82
N ALA B 491 -4.89 -13.48 -26.51
CA ALA B 491 -3.94 -13.97 -25.51
C ALA B 491 -4.03 -15.48 -25.35
N GLN B 492 -5.17 -16.08 -25.65
CA GLN B 492 -5.29 -17.54 -25.59
C GLN B 492 -4.59 -18.21 -26.76
N ARG B 493 -4.49 -17.54 -27.90
CA ARG B 493 -3.72 -18.08 -29.01
C ARG B 493 -2.22 -18.01 -28.74
N VAL B 494 -1.77 -17.05 -27.95
CA VAL B 494 -0.37 -17.01 -27.54
C VAL B 494 -0.09 -18.11 -26.53
N ALA B 495 -1.03 -18.36 -25.61
CA ALA B 495 -0.87 -19.46 -24.67
C ALA B 495 -0.86 -20.81 -25.37
N VAL B 496 -1.59 -20.92 -26.49
CA VAL B 496 -1.52 -22.13 -27.30
C VAL B 496 -0.17 -22.22 -28.02
N ALA B 497 0.31 -21.10 -28.55
CA ALA B 497 1.59 -21.08 -29.25
C ALA B 497 2.74 -21.44 -28.31
N ARG B 498 2.69 -20.94 -27.08
CA ARG B 498 3.73 -21.27 -26.11
C ARG B 498 3.68 -22.74 -25.69
N ALA B 499 2.48 -23.32 -25.62
CA ALA B 499 2.34 -24.71 -25.18
C ALA B 499 2.76 -25.70 -26.26
N LEU B 500 2.61 -25.35 -27.53
CA LEU B 500 2.96 -26.24 -28.63
C LEU B 500 4.37 -26.03 -29.14
N LEU B 501 5.15 -25.14 -28.52
CA LEU B 501 6.51 -24.89 -28.99
C LEU B 501 7.38 -26.13 -28.86
N ASN B 502 7.25 -26.85 -27.75
CA ASN B 502 8.04 -28.03 -27.49
C ASN B 502 7.18 -29.29 -27.57
N PRO B 503 7.68 -30.36 -28.18
CA PRO B 503 6.99 -31.65 -28.07
C PRO B 503 6.94 -32.11 -26.62
N CYS B 504 5.83 -32.75 -26.26
CA CYS B 504 5.61 -33.16 -24.88
C CYS B 504 5.08 -34.58 -24.85
N SER B 505 4.95 -35.11 -23.64
CA SER B 505 4.36 -36.43 -23.44
C SER B 505 2.89 -36.36 -23.09
N LEU B 506 2.49 -35.38 -22.27
CA LEU B 506 1.11 -35.22 -21.85
C LEU B 506 0.68 -33.77 -22.00
N LEU B 507 -0.48 -33.55 -22.62
CA LEU B 507 -1.03 -32.22 -22.81
C LEU B 507 -2.35 -32.12 -22.06
N LEU B 508 -2.38 -31.33 -21.00
CA LEU B 508 -3.55 -31.21 -20.12
C LEU B 508 -4.36 -29.96 -20.45
N LEU B 509 -4.86 -29.87 -21.68
CA LEU B 509 -5.68 -28.69 -22.10
C LEU B 509 -6.84 -28.57 -21.12
N ASP B 510 -7.05 -27.38 -20.52
CA ASP B 510 -8.13 -27.22 -19.52
C ASP B 510 -9.15 -26.16 -19.97
N GLU B 511 -10.23 -26.58 -20.65
CA GLU B 511 -11.30 -25.64 -21.08
C GLU B 511 -10.69 -24.48 -21.87
N PRO B 512 -9.87 -24.71 -22.91
CA PRO B 512 -9.24 -23.64 -23.67
C PRO B 512 -10.18 -22.67 -24.40
N ALA B 513 -11.26 -23.18 -25.00
CA ALA B 513 -12.20 -22.35 -25.78
C ALA B 513 -13.37 -21.84 -24.92
N ALA B 514 -13.23 -21.90 -23.59
CA ALA B 514 -14.28 -21.44 -22.66
C ALA B 514 -14.82 -20.03 -22.99
N SER B 515 -13.99 -19.00 -22.86
CA SER B 515 -14.43 -17.62 -23.08
C SER B 515 -13.60 -17.03 -24.22
N LEU B 516 -14.06 -17.27 -25.45
CA LEU B 516 -13.40 -16.77 -26.64
C LEU B 516 -14.45 -16.31 -27.63
N ASP B 517 -14.05 -15.42 -28.53
CA ASP B 517 -14.93 -15.05 -29.63
C ASP B 517 -14.97 -16.17 -30.67
N ALA B 518 -15.86 -16.02 -31.64
CA ALA B 518 -16.09 -17.10 -32.60
C ALA B 518 -14.84 -17.43 -33.40
N HIS B 519 -14.11 -16.40 -33.84
CA HIS B 519 -12.95 -16.65 -34.69
C HIS B 519 -11.82 -17.32 -33.92
N SER B 520 -11.46 -16.79 -32.75
CA SER B 520 -10.36 -17.38 -31.99
C SER B 520 -10.72 -18.75 -31.43
N GLU B 521 -11.99 -18.96 -31.08
CA GLU B 521 -12.41 -20.26 -30.59
C GLU B 521 -12.17 -21.34 -31.62
N GLN B 522 -12.44 -21.06 -32.89
CA GLN B 522 -12.20 -22.03 -33.95
C GLN B 522 -10.75 -22.07 -34.40
N ARG B 523 -9.94 -21.07 -34.02
CA ARG B 523 -8.52 -21.12 -34.32
C ARG B 523 -7.76 -21.84 -33.21
N VAL B 524 -8.14 -21.60 -31.96
CA VAL B 524 -7.53 -22.31 -30.84
C VAL B 524 -7.89 -23.79 -30.89
N MET B 525 -9.19 -24.09 -31.07
CA MET B 525 -9.65 -25.47 -31.02
C MET B 525 -9.09 -26.29 -32.17
N GLU B 526 -8.98 -25.69 -33.36
CA GLU B 526 -8.44 -26.42 -34.50
C GLU B 526 -6.97 -26.76 -34.26
N ALA B 527 -6.20 -25.82 -33.72
CA ALA B 527 -4.79 -26.05 -33.45
C ALA B 527 -4.60 -27.10 -32.37
N LEU B 528 -5.45 -27.08 -31.35
CA LEU B 528 -5.36 -28.05 -30.26
C LEU B 528 -6.07 -29.35 -30.57
N ASN B 529 -6.86 -29.41 -31.65
CA ASN B 529 -7.37 -30.69 -32.10
C ASN B 529 -6.32 -31.44 -32.89
N ALA B 530 -5.48 -30.72 -33.65
CA ALA B 530 -4.36 -31.32 -34.35
C ALA B 530 -3.13 -31.48 -33.47
N ALA B 531 -3.16 -30.93 -32.25
CA ALA B 531 -2.06 -31.10 -31.31
C ALA B 531 -2.32 -32.20 -30.30
N SER B 532 -3.59 -32.48 -30.01
CA SER B 532 -3.92 -33.53 -29.04
C SER B 532 -3.57 -34.91 -29.54
N LEU B 533 -3.37 -35.08 -30.85
CA LEU B 533 -3.11 -36.40 -31.40
C LEU B 533 -1.67 -36.86 -31.15
N ARG B 534 -0.71 -35.94 -31.15
CA ARG B 534 0.70 -36.31 -31.15
C ARG B 534 1.15 -36.94 -29.83
N GLN B 535 0.35 -36.85 -28.78
CA GLN B 535 0.72 -37.38 -27.47
C GLN B 535 -0.56 -37.59 -26.67
N THR B 536 -0.46 -38.36 -25.59
CA THR B 536 -1.61 -38.57 -24.74
C THR B 536 -2.09 -37.24 -24.18
N THR B 537 -3.39 -36.99 -24.29
CA THR B 537 -3.97 -35.69 -24.00
C THR B 537 -5.14 -35.88 -23.06
N LEU B 538 -5.25 -34.99 -22.07
CA LEU B 538 -6.39 -34.99 -21.16
C LEU B 538 -7.00 -33.60 -21.18
N MET B 539 -8.17 -33.47 -21.79
CA MET B 539 -8.88 -32.21 -21.93
C MET B 539 -10.09 -32.19 -21.01
N VAL B 540 -10.44 -31.00 -20.54
CA VAL B 540 -11.70 -30.77 -19.85
C VAL B 540 -12.43 -29.64 -20.57
N THR B 541 -13.71 -29.85 -20.85
CA THR B 541 -14.44 -28.93 -21.70
C THR B 541 -15.90 -28.90 -21.30
N HIS B 542 -16.60 -27.86 -21.77
CA HIS B 542 -18.04 -27.69 -21.61
C HIS B 542 -18.79 -28.03 -22.88
N GLN B 543 -18.28 -27.61 -24.04
CA GLN B 543 -18.93 -27.86 -25.31
C GLN B 543 -18.71 -29.33 -25.66
N LEU B 544 -19.62 -30.18 -25.20
CA LEU B 544 -19.52 -31.62 -25.39
C LEU B 544 -20.11 -32.09 -26.71
N GLU B 545 -20.63 -31.17 -27.51
CA GLU B 545 -21.04 -31.49 -28.87
C GLU B 545 -19.80 -31.65 -29.75
N ASP B 546 -19.91 -32.50 -30.76
CA ASP B 546 -18.80 -32.82 -31.67
C ASP B 546 -17.57 -33.29 -30.90
N LEU B 547 -17.81 -34.06 -29.83
CA LEU B 547 -16.76 -34.64 -29.03
C LEU B 547 -16.52 -36.10 -29.36
N ALA B 548 -16.95 -36.55 -30.55
CA ALA B 548 -16.96 -37.96 -30.86
C ALA B 548 -15.57 -38.51 -31.13
N ASP B 549 -14.69 -37.70 -31.72
CA ASP B 549 -13.38 -38.21 -32.12
C ASP B 549 -12.46 -38.45 -30.94
N TRP B 550 -12.71 -37.82 -29.79
CA TRP B 550 -11.94 -38.11 -28.59
C TRP B 550 -12.23 -39.53 -28.13
N ASP B 551 -11.18 -40.25 -27.76
CA ASP B 551 -11.28 -41.71 -27.59
C ASP B 551 -12.15 -42.06 -26.39
N VAL B 552 -11.74 -41.68 -25.20
CA VAL B 552 -12.48 -42.02 -23.98
C VAL B 552 -12.94 -40.74 -23.30
N ILE B 553 -14.20 -40.73 -22.86
CA ILE B 553 -14.81 -39.58 -22.22
C ILE B 553 -15.04 -39.94 -20.76
N TRP B 554 -14.52 -39.12 -19.85
CA TRP B 554 -14.75 -39.28 -18.43
C TRP B 554 -15.80 -38.28 -17.98
N VAL B 555 -16.75 -38.75 -17.17
CA VAL B 555 -17.76 -37.89 -16.57
C VAL B 555 -17.53 -37.86 -15.07
N MET B 556 -17.49 -36.66 -14.50
CA MET B 556 -17.12 -36.48 -13.10
C MET B 556 -18.34 -36.03 -12.31
N GLN B 557 -18.47 -36.56 -11.09
CA GLN B 557 -19.59 -36.24 -10.21
C GLN B 557 -19.05 -36.11 -8.79
N ASP B 558 -19.03 -34.87 -8.28
CA ASP B 558 -18.59 -34.57 -6.92
C ASP B 558 -17.17 -35.03 -6.65
N GLY B 559 -16.42 -35.39 -7.68
CA GLY B 559 -15.09 -35.90 -7.51
C GLY B 559 -14.90 -37.36 -7.83
N ARG B 560 -15.77 -37.96 -8.62
CA ARG B 560 -15.65 -39.36 -9.02
C ARG B 560 -15.92 -39.49 -10.51
N ILE B 561 -15.09 -40.28 -11.18
CA ILE B 561 -15.30 -40.59 -12.60
C ILE B 561 -16.34 -41.69 -12.69
N ILE B 562 -17.58 -41.31 -13.03
CA ILE B 562 -18.69 -42.25 -12.93
C ILE B 562 -18.86 -43.05 -14.21
N GLU B 563 -18.63 -42.44 -15.37
CA GLU B 563 -18.88 -43.11 -16.65
C GLU B 563 -17.70 -42.87 -17.57
N GLN B 564 -17.43 -43.86 -18.43
CA GLN B 564 -16.29 -43.83 -19.33
C GLN B 564 -16.64 -44.52 -20.64
N GLY B 565 -15.88 -44.21 -21.68
CA GLY B 565 -15.97 -44.93 -22.93
C GLY B 565 -16.07 -43.99 -24.12
N ARG B 566 -16.26 -44.57 -25.29
CA ARG B 566 -16.39 -43.80 -26.52
C ARG B 566 -17.63 -42.92 -26.47
N TYR B 567 -17.62 -41.85 -27.25
CA TYR B 567 -18.76 -40.93 -27.27
C TYR B 567 -20.03 -41.62 -27.74
N ALA B 568 -19.91 -42.47 -28.77
CA ALA B 568 -21.08 -43.14 -29.32
C ALA B 568 -21.76 -44.03 -28.29
N GLU B 569 -20.96 -44.74 -27.49
CA GLU B 569 -21.53 -45.65 -26.50
C GLU B 569 -22.23 -44.88 -25.37
N LEU B 570 -21.65 -43.76 -24.95
CA LEU B 570 -22.28 -42.96 -23.89
C LEU B 570 -23.47 -42.17 -24.42
N SER B 571 -23.39 -41.66 -25.65
CA SER B 571 -24.45 -40.81 -26.17
C SER B 571 -25.75 -41.57 -26.33
N VAL B 572 -25.70 -42.74 -26.97
CA VAL B 572 -26.92 -43.51 -27.23
C VAL B 572 -27.46 -44.11 -25.93
N ALA B 573 -26.57 -44.59 -25.06
CA ALA B 573 -27.02 -45.22 -23.83
C ALA B 573 -27.48 -44.17 -22.83
N GLY B 574 -28.49 -44.55 -22.03
CA GLY B 574 -28.98 -43.66 -20.99
C GLY B 574 -28.08 -43.72 -19.77
N GLY B 575 -27.78 -42.55 -19.21
CA GLY B 575 -26.90 -42.47 -18.06
C GLY B 575 -26.57 -41.04 -17.71
N PRO B 576 -25.56 -40.86 -16.84
CA PRO B 576 -25.16 -39.49 -16.48
C PRO B 576 -24.69 -38.66 -17.65
N PHE B 577 -24.05 -39.25 -18.66
CA PHE B 577 -23.66 -38.48 -19.84
C PHE B 577 -24.87 -38.02 -20.62
N ALA B 578 -25.93 -38.83 -20.63
CA ALA B 578 -27.18 -38.38 -21.23
C ALA B 578 -27.74 -37.18 -20.49
N THR B 579 -27.66 -37.20 -19.16
CA THR B 579 -28.15 -36.07 -18.38
C THR B 579 -27.39 -34.79 -18.72
N LEU B 580 -26.06 -34.88 -18.85
CA LEU B 580 -25.28 -33.70 -19.22
C LEU B 580 -25.61 -33.24 -20.64
N LEU B 581 -25.77 -34.18 -21.57
CA LEU B 581 -25.93 -33.80 -22.96
C LEU B 581 -27.38 -33.45 -23.30
N ALA B 582 -28.33 -34.33 -22.93
CA ALA B 582 -29.72 -34.09 -23.26
C ALA B 582 -30.25 -32.84 -22.56
N HIS B 583 -29.97 -32.70 -21.26
CA HIS B 583 -30.32 -31.49 -20.54
C HIS B 583 -29.29 -30.42 -20.90
N ARG B 584 -29.44 -29.89 -22.11
CA ARG B 584 -28.54 -28.86 -22.64
C ARG B 584 -28.99 -27.48 -22.16
N GLN B 585 -28.96 -27.31 -20.83
CA GLN B 585 -29.34 -26.02 -20.25
C GLN B 585 -28.36 -24.93 -20.68
N GLU B 586 -27.07 -25.19 -20.52
CA GLU B 586 -26.02 -24.23 -20.87
C GLU B 586 -26.29 -22.87 -20.22
N GLU B 587 -26.23 -22.88 -18.88
CA GLU B 587 -26.57 -21.69 -18.11
C GLU B 587 -25.68 -20.51 -18.46
N ILE B 588 -24.50 -20.76 -19.04
CA ILE B 588 -23.61 -19.69 -19.47
C ILE B 588 -22.96 -20.04 -20.79
MG MG C . -18.02 -5.51 -17.66
PB ADP D . -17.07 -7.06 -21.07
O1B ADP D . -16.82 -8.54 -20.92
O2B ADP D . -17.72 -6.69 -22.36
O3B ADP D . -17.64 -6.42 -19.84
PA ADP D . -15.38 -4.84 -21.32
O1A ADP D . -16.54 -4.25 -22.07
O2A ADP D . -15.03 -4.29 -19.97
O3A ADP D . -15.60 -6.42 -21.16
O5' ADP D . -14.07 -4.73 -22.25
C5' ADP D . -14.05 -5.15 -23.60
C4' ADP D . -12.60 -5.18 -24.03
O4' ADP D . -12.02 -3.91 -23.77
C3' ADP D . -11.83 -6.21 -23.22
O3' ADP D . -11.23 -7.17 -24.09
C2' ADP D . -10.75 -5.45 -22.49
O2' ADP D . -9.48 -6.07 -22.74
C1' ADP D . -10.79 -4.04 -23.06
N9 ADP D . -10.74 -3.06 -21.95
C8 ADP D . -11.53 -3.05 -20.87
N7 ADP D . -11.22 -2.02 -20.05
C5 ADP D . -10.19 -1.36 -20.60
C6 ADP D . -9.37 -0.18 -20.26
N6 ADP D . -9.60 0.52 -19.13
N1 ADP D . -8.41 0.18 -21.12
C2 ADP D . -8.17 -0.50 -22.26
N3 ADP D . -8.87 -1.58 -22.63
C4 ADP D . -9.88 -2.05 -21.86
P PO3 E . -16.24 -9.23 -17.92
O1 PO3 E . -17.24 -10.11 -18.63
O2 PO3 E . -16.87 -7.88 -17.69
O3 PO3 E . -15.01 -9.07 -18.76
MG MG F . -12.09 -25.85 -13.65
PG ATP G . -15.20 -25.44 -12.99
O1G ATP G . -14.27 -25.92 -14.08
O2G ATP G . -14.62 -24.37 -12.10
O3G ATP G . -16.61 -25.16 -13.47
PB ATP G . -14.02 -27.51 -11.58
O1B ATP G . -12.82 -26.61 -11.79
O2B ATP G . -14.09 -28.86 -12.24
O3B ATP G . -15.34 -26.70 -12.02
PA ATP G . -13.01 -27.81 -9.00
O1A ATP G . -12.47 -26.42 -8.79
O2A ATP G . -12.08 -28.91 -9.43
O3A ATP G . -14.25 -27.73 -10.02
O5' ATP G . -13.75 -28.27 -7.65
C5' ATP G . -13.04 -28.72 -6.52
C4' ATP G . -13.73 -28.19 -5.28
O4' ATP G . -12.74 -27.86 -4.31
C3' ATP G . -14.50 -26.92 -5.60
O3' ATP G . -15.80 -26.97 -5.00
C2' ATP G . -13.70 -25.79 -4.97
O2' ATP G . -14.57 -24.93 -4.24
C1' ATP G . -12.71 -26.46 -4.04
N9 ATP G . -11.34 -25.97 -4.32
C8 ATP G . -10.80 -25.80 -5.54
N7 ATP G . -9.54 -25.33 -5.45
C5 ATP G . -9.25 -25.19 -4.16
C6 ATP G . -8.09 -24.74 -3.37
N6 ATP G . -6.95 -24.33 -3.98
N1 ATP G . -8.20 -24.74 -2.02
C2 ATP G . -9.33 -25.14 -1.41
N3 ATP G . -10.42 -25.56 -2.06
C4 ATP G . -10.45 -25.60 -3.41
#